data_1CDL
#
_entry.id   1CDL
#
_cell.length_a   166.100
_cell.length_b   104.900
_cell.length_c   43.320
_cell.angle_alpha   90.00
_cell.angle_beta   90.00
_cell.angle_gamma   90.00
#
_symmetry.space_group_name_H-M   'P 21 21 2'
#
loop_
_entity.id
_entity.type
_entity.pdbx_description
1 polymer CALMODULIN
2 polymer 'CALCIUM/CALMODULIN-DEPENDENT PROTEIN KINASE TYPE II ALPHA CHAIN'
3 non-polymer 'CALCIUM ION'
4 water water
#
loop_
_entity_poly.entity_id
_entity_poly.type
_entity_poly.pdbx_seq_one_letter_code
_entity_poly.pdbx_strand_id
1 'polypeptide(L)'
;ADQLTEEQIAEFKEAFSLFDKDGDGTITTKELGTVMRSLGQNPTEAELQDMINEVDADGNGTIDFPEFLTMMARKMKDTD
SEEEIREAFRVFDKDGNGYISAAELRHVMTNLGEKLTDEEVDEMIREADIDGDGQVNYEEFVQMMTA
;
A,B,C,D
2 'polypeptide(L)' ARRKWQKTGHAVRAIGRLSS E,F,G,H
#
loop_
_chem_comp.id
_chem_comp.type
_chem_comp.name
_chem_comp.formula
CA non-polymer 'CALCIUM ION' 'Ca 2'
#
# COMPACT_ATOMS: atom_id res chain seq x y z
N THR A 5 14.97 1.56 -42.80
CA THR A 5 15.60 0.32 -43.31
C THR A 5 14.89 -0.87 -42.71
N GLU A 6 15.30 -2.08 -43.10
CA GLU A 6 14.71 -3.33 -42.65
C GLU A 6 14.36 -3.32 -41.18
N GLU A 7 15.25 -2.77 -40.36
CA GLU A 7 15.04 -2.68 -38.91
C GLU A 7 13.83 -1.84 -38.52
N GLN A 8 13.93 -0.52 -38.70
CA GLN A 8 12.81 0.37 -38.37
C GLN A 8 11.53 -0.12 -39.05
N ILE A 9 11.67 -0.70 -40.24
CA ILE A 9 10.56 -1.24 -40.98
C ILE A 9 9.96 -2.36 -40.15
N ALA A 10 10.82 -3.27 -39.69
CA ALA A 10 10.40 -4.42 -38.87
C ALA A 10 9.88 -4.01 -37.50
N GLU A 11 10.35 -2.88 -37.01
CA GLU A 11 9.92 -2.35 -35.72
C GLU A 11 8.47 -2.00 -35.95
N PHE A 12 8.26 -1.11 -36.91
CA PHE A 12 6.93 -0.65 -37.30
C PHE A 12 5.96 -1.80 -37.52
N LYS A 13 6.47 -2.92 -38.03
CA LYS A 13 5.67 -4.11 -38.32
C LYS A 13 5.24 -4.74 -37.01
N GLU A 14 6.22 -4.92 -36.12
CA GLU A 14 5.97 -5.48 -34.82
C GLU A 14 4.91 -4.64 -34.11
N ALA A 15 4.97 -3.33 -34.30
CA ALA A 15 3.98 -2.45 -33.72
C ALA A 15 2.64 -2.76 -34.37
N PHE A 16 2.64 -2.85 -35.70
CA PHE A 16 1.43 -3.15 -36.47
C PHE A 16 0.74 -4.33 -35.89
N SER A 17 1.54 -5.36 -35.58
CA SER A 17 1.05 -6.60 -35.02
C SER A 17 0.41 -6.46 -33.66
N LEU A 18 0.78 -5.43 -32.90
CA LEU A 18 0.15 -5.22 -31.60
C LEU A 18 -1.33 -4.94 -31.89
N PHE A 19 -1.58 -4.22 -32.98
CA PHE A 19 -2.92 -3.85 -33.42
C PHE A 19 -3.70 -4.96 -34.07
N ASP A 20 -3.09 -5.58 -35.07
CA ASP A 20 -3.74 -6.65 -35.80
C ASP A 20 -3.78 -7.92 -34.98
N LYS A 21 -4.73 -7.97 -34.04
CA LYS A 21 -4.89 -9.11 -33.16
C LYS A 21 -5.00 -10.44 -33.90
N ASP A 22 -5.83 -10.48 -34.93
CA ASP A 22 -6.03 -11.69 -35.72
C ASP A 22 -4.90 -12.09 -36.68
N GLY A 23 -4.01 -11.16 -36.99
CA GLY A 23 -2.92 -11.52 -37.88
C GLY A 23 -3.41 -11.72 -39.30
N ASP A 24 -4.51 -11.04 -39.64
CA ASP A 24 -5.11 -11.12 -40.96
C ASP A 24 -4.43 -10.14 -41.90
N GLY A 25 -3.47 -9.38 -41.35
CA GLY A 25 -2.73 -8.41 -42.13
C GLY A 25 -3.33 -7.02 -42.15
N THR A 26 -4.42 -6.82 -41.42
CA THR A 26 -5.07 -5.51 -41.39
C THR A 26 -5.71 -5.16 -40.04
N ILE A 27 -5.71 -3.86 -39.76
CA ILE A 27 -6.29 -3.31 -38.55
C ILE A 27 -7.69 -2.82 -38.89
N THR A 28 -8.68 -3.48 -38.34
CA THR A 28 -10.07 -3.12 -38.55
C THR A 28 -10.39 -2.05 -37.53
N THR A 29 -11.59 -1.47 -37.60
CA THR A 29 -12.01 -0.46 -36.64
C THR A 29 -12.14 -1.07 -35.24
N LYS A 30 -12.54 -2.34 -35.21
CA LYS A 30 -12.71 -3.08 -33.95
C LYS A 30 -11.37 -3.31 -33.25
N GLU A 31 -10.33 -3.62 -34.02
CA GLU A 31 -9.02 -3.86 -33.45
C GLU A 31 -8.44 -2.56 -32.91
N LEU A 32 -8.77 -1.46 -33.56
CA LEU A 32 -8.29 -0.15 -33.16
C LEU A 32 -8.92 0.22 -31.83
N GLY A 33 -10.22 0.04 -31.71
CA GLY A 33 -10.90 0.36 -30.47
C GLY A 33 -10.47 -0.53 -29.33
N THR A 34 -10.07 -1.75 -29.65
CA THR A 34 -9.60 -2.70 -28.65
C THR A 34 -8.32 -2.20 -28.00
N VAL A 35 -7.31 -1.94 -28.81
CA VAL A 35 -6.03 -1.45 -28.32
C VAL A 35 -6.22 -0.12 -27.58
N MET A 36 -7.03 0.77 -28.14
CA MET A 36 -7.32 2.05 -27.51
C MET A 36 -7.94 1.88 -26.14
N ARG A 37 -9.00 1.07 -26.06
CA ARG A 37 -9.66 0.82 -24.78
C ARG A 37 -8.69 0.23 -23.77
N SER A 38 -7.80 -0.65 -24.23
CA SER A 38 -6.80 -1.23 -23.34
C SER A 38 -6.05 -0.08 -22.68
N LEU A 39 -5.48 0.80 -23.51
CA LEU A 39 -4.73 1.95 -23.04
C LEU A 39 -5.56 3.09 -22.40
N GLY A 40 -6.68 2.76 -21.77
CA GLY A 40 -7.47 3.80 -21.13
C GLY A 40 -8.18 4.80 -22.03
N GLN A 41 -8.27 4.48 -23.32
CA GLN A 41 -8.97 5.35 -24.27
C GLN A 41 -10.36 4.77 -24.40
N ASN A 42 -11.33 5.59 -24.80
CA ASN A 42 -12.69 5.09 -25.00
C ASN A 42 -13.35 5.79 -26.19
N PRO A 43 -12.83 5.52 -27.40
CA PRO A 43 -13.40 6.13 -28.61
C PRO A 43 -14.73 5.53 -29.01
N THR A 44 -15.62 6.37 -29.53
CA THR A 44 -16.93 5.91 -29.99
C THR A 44 -16.73 5.34 -31.39
N GLU A 45 -17.66 4.49 -31.83
CA GLU A 45 -17.61 3.92 -33.18
C GLU A 45 -17.27 5.00 -34.23
N ALA A 46 -17.98 6.13 -34.16
CA ALA A 46 -17.77 7.25 -35.07
C ALA A 46 -16.31 7.61 -35.18
N GLU A 47 -15.72 7.93 -34.02
CA GLU A 47 -14.33 8.31 -33.93
C GLU A 47 -13.46 7.25 -34.57
N LEU A 48 -13.69 5.99 -34.20
CA LEU A 48 -12.95 4.88 -34.75
C LEU A 48 -13.03 4.83 -36.29
N GLN A 49 -14.19 5.08 -36.87
CA GLN A 49 -14.32 5.09 -38.34
C GLN A 49 -13.46 6.23 -38.88
N ASP A 50 -13.69 7.44 -38.38
CA ASP A 50 -12.97 8.61 -38.84
C ASP A 50 -11.49 8.36 -38.74
N MET A 51 -11.08 7.69 -37.66
CA MET A 51 -9.68 7.37 -37.46
C MET A 51 -9.16 6.44 -38.53
N ILE A 52 -9.90 5.37 -38.81
CA ILE A 52 -9.51 4.40 -39.83
C ILE A 52 -9.56 5.01 -41.24
N ASN A 53 -10.44 5.97 -41.43
CA ASN A 53 -10.59 6.61 -42.73
C ASN A 53 -9.45 7.56 -43.02
N GLU A 54 -8.95 8.21 -41.99
CA GLU A 54 -7.84 9.14 -42.12
C GLU A 54 -6.64 8.54 -42.84
N VAL A 55 -6.46 7.24 -42.72
CA VAL A 55 -5.32 6.57 -43.34
C VAL A 55 -5.62 5.41 -44.30
N ASP A 56 -6.91 5.19 -44.58
CA ASP A 56 -7.29 4.13 -45.49
C ASP A 56 -7.21 4.71 -46.91
N ALA A 57 -6.04 4.54 -47.53
CA ALA A 57 -5.79 5.02 -48.88
C ALA A 57 -6.64 4.31 -49.92
N ASP A 58 -6.69 2.98 -49.85
CA ASP A 58 -7.47 2.19 -50.79
C ASP A 58 -8.95 2.13 -50.48
N GLY A 59 -9.42 3.01 -49.61
CA GLY A 59 -10.83 3.06 -49.27
C GLY A 59 -11.47 1.73 -48.92
N ASN A 60 -10.64 0.72 -48.67
CA ASN A 60 -11.11 -0.63 -48.36
C ASN A 60 -11.65 -0.85 -46.94
N GLY A 61 -11.84 0.24 -46.21
CA GLY A 61 -12.38 0.15 -44.86
C GLY A 61 -11.44 -0.27 -43.73
N THR A 62 -10.35 -0.95 -44.08
CA THR A 62 -9.38 -1.38 -43.07
C THR A 62 -8.04 -0.76 -43.40
N ILE A 63 -7.14 -0.85 -42.44
CA ILE A 63 -5.81 -0.31 -42.65
C ILE A 63 -4.83 -1.47 -42.65
N ASP A 64 -4.08 -1.56 -43.73
CA ASP A 64 -3.11 -2.64 -43.86
C ASP A 64 -1.74 -2.13 -43.48
N PHE A 65 -0.77 -3.04 -43.47
CA PHE A 65 0.58 -2.67 -43.11
C PHE A 65 1.16 -1.48 -43.88
N PRO A 66 1.16 -1.52 -45.22
CA PRO A 66 1.72 -0.38 -45.96
C PRO A 66 0.96 0.94 -45.74
N GLU A 67 -0.29 0.89 -45.28
CA GLU A 67 -1.01 2.13 -44.99
C GLU A 67 -0.51 2.64 -43.63
N PHE A 68 -0.21 1.68 -42.75
CA PHE A 68 0.31 1.95 -41.41
C PHE A 68 1.72 2.51 -41.53
N LEU A 69 2.59 1.75 -42.20
CA LEU A 69 4.00 2.11 -42.43
C LEU A 69 4.05 3.51 -43.00
N THR A 70 3.10 3.83 -43.87
CA THR A 70 3.02 5.15 -44.48
C THR A 70 2.72 6.19 -43.41
N MET A 71 1.80 5.87 -42.51
CA MET A 71 1.48 6.79 -41.42
C MET A 71 2.74 6.92 -40.58
N MET A 72 3.18 5.78 -40.08
CA MET A 72 4.36 5.65 -39.23
C MET A 72 5.64 6.22 -39.79
N ALA A 73 5.74 6.33 -41.12
CA ALA A 73 6.93 6.88 -41.73
C ALA A 73 6.86 8.38 -42.08
N ARG A 74 5.67 8.98 -42.04
CA ARG A 74 5.50 10.40 -42.35
C ARG A 74 6.43 11.32 -41.56
N LYS A 75 6.89 12.38 -42.20
CA LYS A 75 7.80 13.27 -41.51
C LYS A 75 7.12 14.15 -40.49
N MET A 76 7.35 13.81 -39.23
CA MET A 76 6.80 14.54 -38.10
C MET A 76 7.68 15.74 -37.82
N LYS A 77 7.06 16.91 -37.77
CA LYS A 77 7.79 18.15 -37.51
C LYS A 77 8.40 18.05 -36.12
N ASP A 78 9.60 18.60 -35.93
CA ASP A 78 10.30 18.55 -34.64
C ASP A 78 9.43 18.90 -33.44
N THR A 79 8.88 20.11 -33.44
CA THR A 79 8.02 20.57 -32.37
C THR A 79 6.85 19.63 -32.20
N ASP A 80 6.47 18.97 -33.29
CA ASP A 80 5.36 18.02 -33.26
C ASP A 80 5.82 16.69 -32.66
N SER A 81 7.00 16.21 -33.06
CA SER A 81 7.51 14.94 -32.55
C SER A 81 7.59 15.00 -31.05
N GLU A 82 8.16 16.11 -30.57
CA GLU A 82 8.30 16.34 -29.14
C GLU A 82 6.92 16.15 -28.50
N GLU A 83 5.92 16.85 -29.05
CA GLU A 83 4.54 16.78 -28.55
C GLU A 83 4.00 15.35 -28.59
N GLU A 84 4.27 14.65 -29.68
CA GLU A 84 3.84 13.27 -29.84
C GLU A 84 4.43 12.43 -28.72
N ILE A 85 5.71 12.62 -28.42
CA ILE A 85 6.38 11.87 -27.36
C ILE A 85 5.84 12.23 -25.97
N ARG A 86 5.55 13.51 -25.74
CA ARG A 86 4.99 13.89 -24.45
C ARG A 86 3.69 13.18 -24.24
N GLU A 87 2.86 13.15 -25.29
CA GLU A 87 1.57 12.47 -25.21
C GLU A 87 1.74 10.98 -24.97
N ALA A 88 2.78 10.40 -25.56
CA ALA A 88 3.06 8.96 -25.39
C ALA A 88 3.46 8.67 -23.94
N PHE A 89 4.33 9.51 -23.39
CA PHE A 89 4.79 9.36 -22.00
C PHE A 89 3.58 9.36 -21.11
N ARG A 90 2.66 10.27 -21.39
CA ARG A 90 1.43 10.39 -20.61
C ARG A 90 0.52 9.17 -20.66
N VAL A 91 0.76 8.25 -21.60
CA VAL A 91 -0.03 7.00 -21.69
C VAL A 91 0.62 6.03 -20.71
N PHE A 92 1.94 6.07 -20.63
CA PHE A 92 2.65 5.21 -19.69
C PHE A 92 2.36 5.77 -18.29
N ASP A 93 2.76 7.01 -18.04
CA ASP A 93 2.55 7.64 -16.74
C ASP A 93 1.09 7.84 -16.37
N LYS A 94 0.41 6.77 -15.96
CA LYS A 94 -1.00 6.87 -15.61
C LYS A 94 -1.33 7.77 -14.42
N ASP A 95 -0.53 7.71 -13.36
CA ASP A 95 -0.78 8.55 -12.18
C ASP A 95 -0.46 10.00 -12.45
N GLY A 96 0.15 10.26 -13.60
CA GLY A 96 0.50 11.62 -13.96
C GLY A 96 1.45 12.28 -12.98
N ASN A 97 2.39 11.51 -12.44
CA ASN A 97 3.36 12.04 -11.48
C ASN A 97 4.70 12.36 -12.14
N GLY A 98 4.72 12.35 -13.47
CA GLY A 98 5.92 12.65 -14.24
C GLY A 98 7.03 11.60 -14.19
N TYR A 99 6.71 10.42 -13.69
CA TYR A 99 7.67 9.34 -13.58
C TYR A 99 6.93 8.05 -13.92
N ILE A 100 7.57 7.22 -14.72
CA ILE A 100 7.00 5.94 -15.14
C ILE A 100 7.57 4.86 -14.25
N SER A 101 6.73 4.28 -13.41
CA SER A 101 7.19 3.21 -12.52
C SER A 101 7.22 1.86 -13.22
N ALA A 102 7.57 0.81 -12.48
CA ALA A 102 7.58 -0.51 -13.07
C ALA A 102 6.14 -1.00 -13.08
N ALA A 103 5.32 -0.46 -12.19
CA ALA A 103 3.93 -0.84 -12.10
C ALA A 103 3.23 -0.38 -13.35
N GLU A 104 3.49 0.87 -13.72
CA GLU A 104 2.89 1.48 -14.88
C GLU A 104 3.38 0.81 -16.16
N LEU A 105 4.68 0.53 -16.26
CA LEU A 105 5.20 -0.12 -17.46
C LEU A 105 4.60 -1.51 -17.58
N ARG A 106 4.35 -2.15 -16.45
CA ARG A 106 3.77 -3.48 -16.46
C ARG A 106 2.35 -3.41 -16.98
N HIS A 107 1.56 -2.43 -16.52
CA HIS A 107 0.17 -2.28 -16.95
C HIS A 107 0.07 -2.06 -18.46
N VAL A 108 0.79 -1.06 -18.94
CA VAL A 108 0.83 -0.71 -20.35
C VAL A 108 1.22 -1.92 -21.18
N MET A 109 2.39 -2.48 -20.91
CA MET A 109 2.88 -3.67 -21.63
C MET A 109 1.86 -4.81 -21.67
N THR A 110 1.23 -5.06 -20.53
CA THR A 110 0.23 -6.12 -20.43
C THR A 110 -1.07 -5.78 -21.17
N ASN A 111 -1.52 -4.54 -21.11
CA ASN A 111 -2.74 -4.13 -21.80
C ASN A 111 -2.56 -4.19 -23.29
N LEU A 112 -1.36 -3.86 -23.76
CA LEU A 112 -1.02 -3.90 -25.17
C LEU A 112 -1.00 -5.34 -25.67
N GLY A 113 -1.15 -6.30 -24.77
CA GLY A 113 -1.13 -7.70 -25.17
C GLY A 113 0.25 -8.29 -25.05
N GLU A 114 1.27 -7.44 -24.91
CA GLU A 114 2.65 -7.87 -24.78
C GLU A 114 2.86 -8.73 -23.55
N LYS A 115 3.52 -9.85 -23.74
CA LYS A 115 3.76 -10.77 -22.66
C LYS A 115 5.19 -10.76 -22.17
N LEU A 116 5.37 -10.25 -20.95
CA LEU A 116 6.70 -10.20 -20.33
C LEU A 116 6.58 -10.58 -18.86
N THR A 117 7.72 -10.91 -18.25
CA THR A 117 7.79 -11.26 -16.84
C THR A 117 8.08 -10.01 -16.01
N ASP A 118 7.82 -10.09 -14.71
CA ASP A 118 8.08 -8.97 -13.83
C ASP A 118 9.56 -8.63 -13.88
N GLU A 119 10.38 -9.63 -14.18
CA GLU A 119 11.82 -9.45 -14.30
C GLU A 119 12.14 -8.71 -15.59
N GLU A 120 11.42 -9.06 -16.66
CA GLU A 120 11.64 -8.40 -17.95
C GLU A 120 11.23 -6.94 -17.87
N VAL A 121 10.07 -6.69 -17.29
CA VAL A 121 9.60 -5.32 -17.14
C VAL A 121 10.68 -4.55 -16.34
N ASP A 122 11.06 -5.10 -15.19
CA ASP A 122 12.08 -4.49 -14.32
C ASP A 122 13.36 -4.23 -15.10
N GLU A 123 13.65 -5.11 -16.06
CA GLU A 123 14.83 -5.00 -16.91
C GLU A 123 14.63 -3.75 -17.80
N MET A 124 13.46 -3.63 -18.40
CA MET A 124 13.14 -2.50 -19.27
C MET A 124 13.32 -1.22 -18.48
N ILE A 125 12.85 -1.21 -17.24
CA ILE A 125 13.01 -0.03 -16.39
C ILE A 125 14.51 0.15 -16.17
N ARG A 126 15.18 -0.95 -15.85
CA ARG A 126 16.61 -0.92 -15.58
C ARG A 126 17.41 -0.31 -16.72
N GLU A 127 17.24 -0.83 -17.93
CA GLU A 127 17.98 -0.35 -19.09
C GLU A 127 17.69 1.12 -19.39
N ALA A 128 16.46 1.54 -19.21
CA ALA A 128 16.10 2.92 -19.46
C ALA A 128 16.42 3.86 -18.31
N ASP A 129 16.62 3.30 -17.12
CA ASP A 129 16.90 4.08 -15.91
C ASP A 129 18.35 4.51 -15.72
N ILE A 130 18.74 5.55 -16.45
CA ILE A 130 20.09 6.09 -16.39
C ILE A 130 20.45 6.68 -15.04
N ASP A 131 19.52 7.42 -14.43
CA ASP A 131 19.77 8.04 -13.13
C ASP A 131 19.53 7.09 -11.95
N GLY A 132 19.55 5.80 -12.23
CA GLY A 132 19.35 4.79 -11.19
C GLY A 132 18.35 5.06 -10.08
N ASP A 133 17.27 5.78 -10.36
CA ASP A 133 16.27 6.07 -9.32
C ASP A 133 15.07 5.12 -9.21
N GLY A 134 15.16 3.96 -9.85
CA GLY A 134 14.06 3.00 -9.80
C GLY A 134 12.86 3.34 -10.68
N GLN A 135 12.89 4.52 -11.28
CA GLN A 135 11.80 4.93 -12.16
C GLN A 135 12.32 5.67 -13.36
N VAL A 136 11.49 5.72 -14.39
CA VAL A 136 11.85 6.37 -15.63
C VAL A 136 11.17 7.72 -15.76
N ASN A 137 11.99 8.76 -15.76
CA ASN A 137 11.50 10.12 -15.87
C ASN A 137 11.32 10.45 -17.35
N TYR A 138 10.85 11.67 -17.62
CA TYR A 138 10.63 12.08 -19.00
C TYR A 138 11.89 11.98 -19.88
N GLU A 139 12.96 12.65 -19.51
CA GLU A 139 14.16 12.60 -20.34
C GLU A 139 14.70 11.19 -20.58
N GLU A 140 14.39 10.28 -19.65
CA GLU A 140 14.83 8.91 -19.78
C GLU A 140 13.93 8.27 -20.83
N PHE A 141 12.64 8.57 -20.78
CA PHE A 141 11.69 8.02 -21.74
C PHE A 141 12.08 8.51 -23.14
N VAL A 142 12.43 9.78 -23.26
CA VAL A 142 12.82 10.33 -24.55
C VAL A 142 14.12 9.71 -25.03
N GLN A 143 15.09 9.62 -24.14
CA GLN A 143 16.40 9.05 -24.47
C GLN A 143 16.20 7.64 -25.01
N MET A 144 15.21 6.95 -24.45
CA MET A 144 14.90 5.59 -24.85
C MET A 144 14.05 5.53 -26.12
N MET A 145 13.11 6.47 -26.24
CA MET A 145 12.18 6.58 -27.36
C MET A 145 12.76 7.00 -28.69
N THR A 146 13.97 7.53 -28.66
CA THR A 146 14.61 7.97 -29.88
C THR A 146 15.92 7.19 -30.06
N ARG B 2 15.30 -3.04 -25.03
CA ARG B 2 14.74 -1.78 -25.49
C ARG B 2 13.88 -1.95 -26.74
N ARG B 3 13.99 -3.10 -27.38
CA ARG B 3 13.21 -3.41 -28.57
C ARG B 3 11.74 -3.52 -28.15
N LYS B 4 11.55 -3.84 -26.87
CA LYS B 4 10.23 -3.95 -26.29
C LYS B 4 9.73 -2.52 -26.13
N TRP B 5 10.63 -1.61 -25.76
CA TRP B 5 10.28 -0.20 -25.59
C TRP B 5 9.90 0.36 -26.97
N GLN B 6 10.87 0.38 -27.89
CA GLN B 6 10.67 0.89 -29.26
C GLN B 6 9.35 0.42 -29.86
N LYS B 7 9.18 -0.90 -29.92
CA LYS B 7 7.97 -1.52 -30.47
C LYS B 7 6.72 -0.92 -29.81
N THR B 8 6.71 -0.89 -28.48
CA THR B 8 5.57 -0.37 -27.73
C THR B 8 5.33 1.12 -27.93
N GLY B 9 6.42 1.88 -27.93
CA GLY B 9 6.33 3.32 -28.12
C GLY B 9 5.70 3.65 -29.45
N HIS B 10 6.11 2.91 -30.49
CA HIS B 10 5.56 3.10 -31.83
C HIS B 10 4.04 2.90 -31.78
N ALA B 11 3.62 1.81 -31.17
CA ALA B 11 2.20 1.51 -31.09
C ALA B 11 1.43 2.63 -30.42
N VAL B 12 1.93 3.07 -29.28
CA VAL B 12 1.29 4.15 -28.53
C VAL B 12 1.31 5.42 -29.38
N ARG B 13 2.34 5.55 -30.21
CA ARG B 13 2.47 6.72 -31.06
C ARG B 13 1.50 6.63 -32.23
N ALA B 14 1.27 5.40 -32.69
CA ALA B 14 0.37 5.13 -33.82
C ALA B 14 -1.04 5.64 -33.50
N ILE B 15 -1.42 5.49 -32.23
CA ILE B 15 -2.73 5.92 -31.73
C ILE B 15 -2.79 7.44 -31.68
N GLY B 16 -1.70 8.07 -31.27
CA GLY B 16 -1.67 9.51 -31.19
C GLY B 16 -1.87 10.10 -32.57
N ARG B 17 -1.05 9.66 -33.52
CA ARG B 17 -1.13 10.12 -34.90
C ARG B 17 -2.57 10.03 -35.37
N LEU B 18 -3.14 8.82 -35.29
CA LEU B 18 -4.51 8.57 -35.70
C LEU B 18 -5.54 9.49 -35.02
N SER B 19 -5.35 9.75 -33.72
CA SER B 19 -6.26 10.57 -32.93
C SER B 19 -6.49 12.00 -33.42
N SER B 20 -5.69 12.43 -34.40
CA SER B 20 -5.77 13.76 -34.97
C SER B 20 -7.02 13.99 -35.84
N THR C 5 -28.40 15.31 7.39
CA THR C 5 -27.66 14.03 7.37
C THR C 5 -28.61 12.85 7.58
N GLU C 6 -29.77 13.10 8.17
CA GLU C 6 -30.77 12.06 8.44
C GLU C 6 -30.88 11.00 7.34
N GLU C 7 -31.06 11.45 6.10
CA GLU C 7 -31.15 10.53 4.97
C GLU C 7 -29.94 9.61 4.90
N GLN C 8 -28.75 10.19 4.80
CA GLN C 8 -27.51 9.39 4.74
C GLN C 8 -27.51 8.36 5.85
N ILE C 9 -27.84 8.77 7.08
CA ILE C 9 -27.87 7.82 8.20
C ILE C 9 -28.85 6.69 7.87
N ALA C 10 -30.08 7.05 7.49
CA ALA C 10 -31.10 6.07 7.13
C ALA C 10 -30.65 5.11 6.02
N GLU C 11 -29.80 5.58 5.10
CA GLU C 11 -29.32 4.72 4.03
C GLU C 11 -28.29 3.76 4.60
N PHE C 12 -27.36 4.25 5.42
CA PHE C 12 -26.36 3.38 6.03
C PHE C 12 -27.08 2.36 6.91
N LYS C 13 -28.23 2.75 7.43
CA LYS C 13 -29.05 1.88 8.26
C LYS C 13 -29.54 0.77 7.34
N GLU C 14 -30.11 1.18 6.20
CA GLU C 14 -30.62 0.23 5.22
C GLU C 14 -29.52 -0.64 4.64
N ALA C 15 -28.34 -0.06 4.44
CA ALA C 15 -27.20 -0.81 3.91
C ALA C 15 -26.72 -1.83 4.95
N PHE C 16 -26.86 -1.47 6.22
CA PHE C 16 -26.46 -2.35 7.31
C PHE C 16 -27.35 -3.57 7.22
N SER C 17 -28.65 -3.33 7.10
CA SER C 17 -29.63 -4.41 7.00
C SER C 17 -29.36 -5.40 5.87
N LEU C 18 -28.57 -4.99 4.88
CA LEU C 18 -28.21 -5.87 3.77
C LEU C 18 -27.23 -6.90 4.31
N PHE C 19 -26.43 -6.49 5.28
CA PHE C 19 -25.47 -7.38 5.91
C PHE C 19 -26.14 -8.16 7.03
N ASP C 20 -26.94 -7.47 7.83
CA ASP C 20 -27.63 -8.05 8.98
C ASP C 20 -28.83 -8.84 8.53
N LYS C 21 -28.53 -9.96 7.92
CA LYS C 21 -29.53 -10.87 7.39
C LYS C 21 -30.49 -11.40 8.46
N ASP C 22 -29.98 -11.64 9.68
CA ASP C 22 -30.80 -12.14 10.78
C ASP C 22 -31.61 -11.06 11.51
N GLY C 23 -31.20 -9.80 11.34
CA GLY C 23 -31.90 -8.71 11.97
C GLY C 23 -31.59 -8.59 13.45
N ASP C 24 -30.58 -9.32 13.90
CA ASP C 24 -30.27 -9.28 15.31
C ASP C 24 -29.70 -7.96 15.75
N GLY C 25 -29.14 -7.19 14.82
CA GLY C 25 -28.58 -5.90 15.16
C GLY C 25 -27.07 -5.84 15.07
N THR C 26 -26.48 -6.93 14.57
CA THR C 26 -25.03 -7.04 14.42
C THR C 26 -24.64 -7.87 13.17
N ILE C 27 -23.45 -7.59 12.65
CA ILE C 27 -22.90 -8.29 11.49
C ILE C 27 -21.78 -9.20 12.04
N THR C 28 -21.96 -10.50 11.93
CA THR C 28 -20.95 -11.43 12.44
C THR C 28 -19.95 -11.78 11.35
N THR C 29 -18.91 -12.55 11.69
CA THR C 29 -17.93 -12.97 10.69
C THR C 29 -18.60 -13.74 9.58
N LYS C 30 -19.72 -14.40 9.90
CA LYS C 30 -20.45 -15.18 8.91
C LYS C 30 -21.39 -14.32 8.05
N GLU C 31 -22.19 -13.46 8.70
CA GLU C 31 -23.13 -12.57 7.97
C GLU C 31 -22.35 -11.76 6.91
N LEU C 32 -21.07 -11.54 7.18
CA LEU C 32 -20.18 -10.81 6.30
C LEU C 32 -19.59 -11.67 5.18
N GLY C 33 -19.03 -12.83 5.55
CA GLY C 33 -18.45 -13.73 4.57
C GLY C 33 -19.49 -14.08 3.53
N THR C 34 -20.71 -14.31 3.99
CA THR C 34 -21.80 -14.64 3.10
C THR C 34 -22.06 -13.56 2.06
N VAL C 35 -22.13 -12.29 2.46
CA VAL C 35 -22.37 -11.23 1.49
C VAL C 35 -21.18 -11.01 0.57
N MET C 36 -19.97 -11.14 1.13
CA MET C 36 -18.76 -10.97 0.33
C MET C 36 -18.63 -12.04 -0.73
N ARG C 37 -18.96 -13.28 -0.36
CA ARG C 37 -18.90 -14.38 -1.32
C ARG C 37 -20.01 -14.20 -2.36
N SER C 38 -21.10 -13.54 -2.00
CA SER C 38 -22.19 -13.29 -2.94
C SER C 38 -21.72 -12.31 -4.01
N LEU C 39 -20.62 -11.62 -3.74
CA LEU C 39 -20.07 -10.67 -4.68
C LEU C 39 -18.76 -11.19 -5.26
N GLY C 40 -18.65 -12.51 -5.31
CA GLY C 40 -17.46 -13.15 -5.86
C GLY C 40 -16.14 -12.87 -5.16
N GLN C 41 -16.18 -12.55 -3.86
CA GLN C 41 -14.96 -12.31 -3.10
C GLN C 41 -14.81 -13.51 -2.19
N ASN C 42 -13.58 -13.96 -1.93
CA ASN C 42 -13.39 -15.14 -1.08
C ASN C 42 -12.40 -14.98 0.06
N PRO C 43 -12.85 -14.44 1.20
CA PRO C 43 -11.96 -14.25 2.35
C PRO C 43 -11.97 -15.47 3.27
N THR C 44 -10.81 -15.78 3.83
CA THR C 44 -10.70 -16.91 4.75
C THR C 44 -11.21 -16.47 6.12
N GLU C 45 -11.39 -17.42 7.02
CA GLU C 45 -11.87 -17.09 8.37
C GLU C 45 -10.96 -16.10 9.10
N ALA C 46 -9.68 -16.06 8.72
CA ALA C 46 -8.74 -15.14 9.35
C ALA C 46 -8.98 -13.69 8.93
N GLU C 47 -8.89 -13.41 7.64
CA GLU C 47 -9.09 -12.06 7.12
C GLU C 47 -10.41 -11.47 7.59
N LEU C 48 -11.45 -12.29 7.55
CA LEU C 48 -12.79 -11.88 7.94
C LEU C 48 -12.78 -11.37 9.39
N GLN C 49 -12.12 -12.14 10.24
CA GLN C 49 -12.00 -11.83 11.64
C GLN C 49 -11.31 -10.48 11.75
N ASP C 50 -10.17 -10.36 11.10
CA ASP C 50 -9.43 -9.11 11.12
C ASP C 50 -10.24 -7.95 10.56
N MET C 51 -11.27 -8.25 9.78
CA MET C 51 -12.09 -7.18 9.23
C MET C 51 -12.95 -6.65 10.35
N ILE C 52 -13.59 -7.56 11.07
CA ILE C 52 -14.44 -7.19 12.19
C ILE C 52 -13.61 -6.41 13.23
N ASN C 53 -12.42 -6.93 13.53
CA ASN C 53 -11.50 -6.33 14.50
C ASN C 53 -11.34 -4.82 14.39
N GLU C 54 -10.74 -4.36 13.29
CA GLU C 54 -10.47 -2.93 13.11
C GLU C 54 -11.67 -1.99 13.29
N VAL C 55 -12.86 -2.50 13.07
CA VAL C 55 -14.09 -1.69 13.20
C VAL C 55 -14.74 -1.90 14.55
N ASP C 56 -14.48 -3.05 15.18
CA ASP C 56 -15.04 -3.42 16.47
C ASP C 56 -14.42 -2.72 17.68
N ALA C 57 -14.94 -1.53 17.98
CA ALA C 57 -14.48 -0.73 19.12
C ALA C 57 -14.82 -1.33 20.48
N ASP C 58 -16.10 -1.57 20.72
CA ASP C 58 -16.57 -2.11 21.99
C ASP C 58 -16.08 -3.53 22.26
N GLY C 59 -15.36 -4.12 21.30
CA GLY C 59 -14.83 -5.45 21.47
C GLY C 59 -15.84 -6.56 21.59
N ASN C 60 -17.03 -6.37 21.03
CA ASN C 60 -18.06 -7.41 21.10
C ASN C 60 -17.80 -8.63 20.19
N GLY C 61 -16.99 -8.41 19.15
CA GLY C 61 -16.66 -9.47 18.21
C GLY C 61 -17.50 -9.38 16.94
N THR C 62 -18.53 -8.55 17.00
CA THR C 62 -19.43 -8.31 15.88
C THR C 62 -19.69 -6.82 15.72
N ILE C 63 -19.78 -6.39 14.47
CA ILE C 63 -20.02 -5.00 14.17
C ILE C 63 -21.49 -4.70 14.39
N ASP C 64 -21.79 -3.56 15.01
CA ASP C 64 -23.17 -3.17 15.24
C ASP C 64 -23.41 -1.85 14.49
N PHE C 65 -24.61 -1.28 14.54
CA PHE C 65 -24.84 -0.06 13.77
C PHE C 65 -23.94 1.11 14.14
N PRO C 66 -23.89 1.48 15.42
CA PRO C 66 -23.02 2.60 15.80
C PRO C 66 -21.61 2.38 15.23
N GLU C 67 -21.08 1.17 15.38
CA GLU C 67 -19.74 0.80 14.87
C GLU C 67 -19.65 0.82 13.34
N PHE C 68 -20.77 0.55 12.68
CA PHE C 68 -20.85 0.52 11.23
C PHE C 68 -20.87 1.94 10.70
N LEU C 69 -21.75 2.76 11.30
CA LEU C 69 -21.92 4.16 10.91
C LEU C 69 -20.61 4.89 11.07
N THR C 70 -19.84 4.49 12.06
CA THR C 70 -18.55 5.10 12.33
C THR C 70 -17.57 4.81 11.20
N MET C 71 -17.47 3.54 10.81
CA MET C 71 -16.57 3.17 9.73
C MET C 71 -17.05 3.82 8.45
N MET C 72 -18.36 3.87 8.28
CA MET C 72 -18.91 4.46 7.07
C MET C 72 -18.74 5.96 7.01
N ALA C 73 -19.07 6.62 8.10
CA ALA C 73 -18.95 8.07 8.16
C ALA C 73 -17.47 8.51 8.28
N ARG C 74 -16.57 7.54 8.35
CA ARG C 74 -15.14 7.79 8.45
C ARG C 74 -14.69 8.73 7.33
N LYS C 75 -13.76 9.62 7.63
CA LYS C 75 -13.26 10.54 6.61
C LYS C 75 -12.07 9.88 5.94
N MET C 76 -12.02 9.97 4.62
CA MET C 76 -10.92 9.37 3.88
C MET C 76 -10.32 10.36 2.92
N LYS C 77 -9.07 10.10 2.52
CA LYS C 77 -8.37 10.97 1.57
C LYS C 77 -9.15 10.93 0.26
N ASP C 78 -9.20 12.06 -0.44
CA ASP C 78 -9.91 12.14 -1.73
C ASP C 78 -9.51 10.98 -2.62
N THR C 79 -8.23 10.62 -2.52
CA THR C 79 -7.67 9.52 -3.26
C THR C 79 -8.35 8.24 -2.82
N ASP C 80 -8.32 7.98 -1.51
CA ASP C 80 -8.93 6.79 -0.93
C ASP C 80 -10.37 6.65 -1.42
N SER C 81 -11.10 7.76 -1.48
CA SER C 81 -12.48 7.75 -1.95
C SER C 81 -12.51 7.20 -3.37
N GLU C 82 -11.83 7.88 -4.29
CA GLU C 82 -11.77 7.45 -5.67
C GLU C 82 -11.44 5.97 -5.79
N GLU C 83 -10.48 5.51 -4.99
CA GLU C 83 -10.11 4.10 -5.02
C GLU C 83 -11.28 3.26 -4.55
N GLU C 84 -11.95 3.75 -3.52
CA GLU C 84 -13.09 3.08 -2.94
C GLU C 84 -14.21 2.93 -3.97
N ILE C 85 -14.66 4.05 -4.51
CA ILE C 85 -15.73 4.03 -5.50
C ILE C 85 -15.32 3.19 -6.70
N ARG C 86 -14.09 3.36 -7.15
CA ARG C 86 -13.58 2.60 -8.27
C ARG C 86 -13.66 1.09 -8.05
N GLU C 87 -13.41 0.64 -6.82
CA GLU C 87 -13.50 -0.79 -6.50
C GLU C 87 -14.95 -1.22 -6.41
N ALA C 88 -15.79 -0.30 -5.94
CA ALA C 88 -17.21 -0.57 -5.85
C ALA C 88 -17.73 -0.77 -7.27
N PHE C 89 -17.24 0.05 -8.20
CA PHE C 89 -17.66 -0.01 -9.59
C PHE C 89 -17.35 -1.38 -10.19
N ARG C 90 -16.11 -1.82 -9.99
CA ARG C 90 -15.67 -3.11 -10.50
C ARG C 90 -16.60 -4.24 -10.04
N VAL C 91 -17.29 -4.03 -8.92
CA VAL C 91 -18.20 -5.02 -8.39
C VAL C 91 -19.49 -5.13 -9.22
N PHE C 92 -19.99 -3.98 -9.69
CA PHE C 92 -21.20 -3.92 -10.51
C PHE C 92 -20.89 -4.31 -11.95
N ASP C 93 -19.81 -3.75 -12.47
CA ASP C 93 -19.35 -4.01 -13.82
C ASP C 93 -18.64 -5.36 -13.86
N LYS C 94 -19.39 -6.43 -13.64
CA LYS C 94 -18.86 -7.78 -13.59
C LYS C 94 -18.00 -8.21 -14.77
N ASP C 95 -18.40 -7.87 -15.98
CA ASP C 95 -17.64 -8.25 -17.18
C ASP C 95 -16.48 -7.29 -17.44
N GLY C 96 -16.44 -6.21 -16.67
CA GLY C 96 -15.38 -5.25 -16.81
C GLY C 96 -15.30 -4.50 -18.12
N ASN C 97 -16.38 -4.50 -18.89
CA ASN C 97 -16.35 -3.80 -20.18
C ASN C 97 -16.41 -2.28 -19.99
N GLY C 98 -16.53 -1.85 -18.74
CA GLY C 98 -16.61 -0.44 -18.41
C GLY C 98 -18.02 0.11 -18.32
N TYR C 99 -19.02 -0.75 -18.51
CA TYR C 99 -20.41 -0.31 -18.45
C TYR C 99 -21.23 -1.32 -17.67
N ILE C 100 -22.11 -0.79 -16.82
CA ILE C 100 -23.01 -1.59 -16.01
C ILE C 100 -24.31 -1.66 -16.77
N SER C 101 -24.71 -2.87 -17.11
CA SER C 101 -25.92 -3.09 -17.85
C SER C 101 -27.02 -3.35 -16.83
N ALA C 102 -28.25 -3.40 -17.28
CA ALA C 102 -29.37 -3.69 -16.38
C ALA C 102 -29.24 -5.10 -15.85
N ALA C 103 -28.44 -5.90 -16.54
CA ALA C 103 -28.19 -7.28 -16.15
C ALA C 103 -27.22 -7.35 -14.99
N GLU C 104 -26.14 -6.56 -15.04
CA GLU C 104 -25.13 -6.56 -13.98
C GLU C 104 -25.66 -5.93 -12.68
N LEU C 105 -26.40 -4.84 -12.83
CA LEU C 105 -26.99 -4.17 -11.69
C LEU C 105 -27.94 -5.16 -11.04
N ARG C 106 -28.65 -5.90 -11.87
CA ARG C 106 -29.61 -6.92 -11.43
C ARG C 106 -28.81 -7.98 -10.66
N HIS C 107 -27.72 -8.43 -11.26
CA HIS C 107 -26.83 -9.42 -10.67
C HIS C 107 -26.49 -8.98 -9.25
N VAL C 108 -26.03 -7.73 -9.10
CA VAL C 108 -25.66 -7.16 -7.80
C VAL C 108 -26.82 -7.12 -6.81
N MET C 109 -27.88 -6.43 -7.17
CA MET C 109 -29.02 -6.30 -6.28
C MET C 109 -29.59 -7.61 -5.77
N THR C 110 -29.87 -8.55 -6.66
CA THR C 110 -30.40 -9.83 -6.23
C THR C 110 -29.41 -10.52 -5.31
N ASN C 111 -28.12 -10.46 -5.65
CA ASN C 111 -27.06 -11.07 -4.84
C ASN C 111 -26.95 -10.45 -3.44
N LEU C 112 -27.34 -9.19 -3.30
CA LEU C 112 -27.28 -8.52 -2.02
C LEU C 112 -28.58 -8.81 -1.27
N GLY C 113 -29.40 -9.69 -1.83
CA GLY C 113 -30.65 -10.06 -1.19
C GLY C 113 -31.80 -9.10 -1.45
N GLU C 114 -31.51 -7.99 -2.13
CA GLU C 114 -32.54 -7.02 -2.43
C GLU C 114 -33.05 -7.28 -3.84
N LYS C 115 -33.99 -8.21 -3.96
CA LYS C 115 -34.55 -8.55 -5.26
C LYS C 115 -35.74 -7.65 -5.53
N LEU C 116 -35.95 -7.33 -6.80
CA LEU C 116 -37.02 -6.44 -7.21
C LEU C 116 -37.37 -6.57 -8.67
N THR C 117 -38.47 -5.96 -9.06
CA THR C 117 -38.98 -5.98 -10.41
C THR C 117 -38.05 -5.35 -11.45
N ASP C 118 -38.01 -5.95 -12.64
CA ASP C 118 -37.19 -5.47 -13.76
C ASP C 118 -37.43 -3.99 -14.04
N GLU C 119 -38.69 -3.56 -13.98
CA GLU C 119 -39.05 -2.15 -14.21
C GLU C 119 -38.25 -1.27 -13.28
N GLU C 120 -38.09 -1.71 -12.04
CA GLU C 120 -37.32 -0.91 -11.08
C GLU C 120 -35.85 -0.96 -11.49
N VAL C 121 -35.37 -2.11 -11.99
CA VAL C 121 -33.97 -2.18 -12.41
C VAL C 121 -33.77 -1.20 -13.53
N ASP C 122 -34.70 -1.17 -14.47
CA ASP C 122 -34.62 -0.25 -15.59
C ASP C 122 -34.75 1.17 -15.07
N GLU C 123 -35.70 1.39 -14.17
CA GLU C 123 -35.93 2.71 -13.57
C GLU C 123 -34.60 3.23 -13.04
N MET C 124 -33.90 2.41 -12.25
CA MET C 124 -32.61 2.81 -11.68
C MET C 124 -31.60 3.19 -12.75
N ILE C 125 -31.52 2.38 -13.80
CA ILE C 125 -30.60 2.66 -14.89
C ILE C 125 -30.96 4.02 -15.46
N ARG C 126 -32.26 4.25 -15.64
CA ARG C 126 -32.74 5.53 -16.17
C ARG C 126 -32.27 6.65 -15.24
N GLU C 127 -32.43 6.47 -13.94
CA GLU C 127 -32.01 7.46 -12.96
C GLU C 127 -30.53 7.87 -13.12
N ALA C 128 -29.68 6.86 -13.28
CA ALA C 128 -28.24 7.08 -13.40
C ALA C 128 -27.72 7.34 -14.80
N ASP C 129 -28.55 7.13 -15.81
CA ASP C 129 -28.10 7.30 -17.16
C ASP C 129 -28.12 8.71 -17.69
N ILE C 130 -26.98 9.38 -17.62
CA ILE C 130 -26.84 10.74 -18.10
C ILE C 130 -26.92 10.80 -19.62
N ASP C 131 -26.13 9.95 -20.28
CA ASP C 131 -26.03 9.91 -21.74
C ASP C 131 -27.03 9.07 -22.54
N GLY C 132 -28.19 8.77 -21.96
CA GLY C 132 -29.20 8.00 -22.68
C GLY C 132 -28.87 6.68 -23.36
N ASP C 133 -27.65 6.16 -23.18
CA ASP C 133 -27.23 4.89 -23.80
C ASP C 133 -27.76 3.63 -23.11
N GLY C 134 -28.66 3.77 -22.14
CA GLY C 134 -29.17 2.61 -21.43
C GLY C 134 -28.22 1.83 -20.53
N GLN C 135 -27.02 2.35 -20.30
CA GLN C 135 -26.05 1.68 -19.43
C GLN C 135 -25.38 2.72 -18.54
N VAL C 136 -24.87 2.26 -17.41
CA VAL C 136 -24.20 3.11 -16.44
C VAL C 136 -22.69 2.94 -16.48
N ASN C 137 -21.99 3.99 -16.90
CA ASN C 137 -20.53 3.95 -16.95
C ASN C 137 -19.97 4.50 -15.65
N TYR C 138 -18.65 4.62 -15.55
CA TYR C 138 -18.02 5.09 -14.34
C TYR C 138 -18.51 6.46 -13.88
N GLU C 139 -18.34 7.46 -14.73
CA GLU C 139 -18.76 8.83 -14.43
C GLU C 139 -20.19 8.89 -13.91
N GLU C 140 -21.06 8.07 -14.47
CA GLU C 140 -22.44 8.03 -14.08
C GLU C 140 -22.59 7.28 -12.75
N PHE C 141 -21.73 6.29 -12.52
CA PHE C 141 -21.78 5.53 -11.27
C PHE C 141 -21.35 6.49 -10.16
N VAL C 142 -20.25 7.19 -10.39
CA VAL C 142 -19.71 8.13 -9.42
C VAL C 142 -20.76 9.16 -9.05
N GLN C 143 -21.36 9.82 -10.03
CA GLN C 143 -22.37 10.84 -9.75
C GLN C 143 -23.57 10.27 -9.03
N MET C 144 -23.66 8.95 -8.93
CA MET C 144 -24.79 8.31 -8.25
C MET C 144 -24.40 7.92 -6.82
N MET C 145 -23.10 7.78 -6.59
CA MET C 145 -22.54 7.42 -5.29
C MET C 145 -22.15 8.65 -4.48
N THR C 146 -22.11 9.81 -5.14
CA THR C 146 -21.75 11.05 -4.47
C THR C 146 -22.90 12.07 -4.55
N ARG D 2 -34.63 6.37 -5.78
CA ARG D 2 -33.35 6.94 -5.31
C ARG D 2 -32.69 6.11 -4.22
N ARG D 3 -33.51 5.66 -3.26
CA ARG D 3 -33.02 4.87 -2.14
C ARG D 3 -32.29 3.61 -2.58
N LYS D 4 -32.92 2.82 -3.44
CA LYS D 4 -32.33 1.57 -3.92
C LYS D 4 -30.86 1.67 -4.35
N TRP D 5 -30.52 2.73 -5.07
CA TRP D 5 -29.16 2.93 -5.54
C TRP D 5 -28.22 3.09 -4.35
N GLN D 6 -28.49 4.07 -3.48
CA GLN D 6 -27.65 4.32 -2.31
C GLN D 6 -27.56 3.15 -1.32
N LYS D 7 -28.69 2.55 -0.99
CA LYS D 7 -28.66 1.41 -0.08
C LYS D 7 -27.73 0.34 -0.69
N THR D 8 -27.73 0.23 -2.01
CA THR D 8 -26.89 -0.75 -2.71
C THR D 8 -25.46 -0.26 -2.81
N GLY D 9 -25.29 1.03 -3.07
CA GLY D 9 -23.96 1.57 -3.20
C GLY D 9 -23.19 1.54 -1.89
N HIS D 10 -23.83 2.04 -0.84
CA HIS D 10 -23.22 2.07 0.49
C HIS D 10 -22.78 0.68 0.91
N ALA D 11 -23.65 -0.31 0.71
CA ALA D 11 -23.35 -1.69 1.07
C ALA D 11 -22.11 -2.22 0.36
N VAL D 12 -21.98 -1.91 -0.92
CA VAL D 12 -20.83 -2.36 -1.70
C VAL D 12 -19.54 -1.69 -1.25
N ARG D 13 -19.67 -0.41 -0.90
CA ARG D 13 -18.54 0.40 -0.43
C ARG D 13 -18.06 -0.11 0.92
N ALA D 14 -19.01 -0.49 1.75
CA ALA D 14 -18.73 -0.99 3.08
C ALA D 14 -17.79 -2.18 3.03
N ILE D 15 -18.00 -3.08 2.08
CA ILE D 15 -17.17 -4.27 1.96
C ILE D 15 -15.72 -3.92 1.69
N GLY D 16 -15.51 -2.87 0.89
CA GLY D 16 -14.17 -2.42 0.58
C GLY D 16 -13.52 -1.81 1.82
N ARG D 17 -14.25 -0.95 2.55
CA ARG D 17 -13.76 -0.32 3.78
C ARG D 17 -13.44 -1.40 4.80
N LEU D 18 -14.33 -2.39 4.87
CA LEU D 18 -14.17 -3.51 5.78
C LEU D 18 -12.95 -4.35 5.36
N SER D 19 -12.52 -4.18 4.11
CA SER D 19 -11.39 -4.90 3.56
C SER D 19 -10.08 -4.10 3.67
N SER D 20 -10.01 -3.20 4.65
CA SER D 20 -8.81 -2.40 4.85
C SER D 20 -7.68 -3.26 5.43
N THR E 5 25.83 -6.48 13.15
CA THR E 5 25.66 -5.96 14.50
C THR E 5 24.60 -6.84 15.17
N GLU E 6 24.47 -6.74 16.49
CA GLU E 6 23.50 -7.53 17.24
C GLU E 6 22.04 -7.30 16.90
N GLU E 7 21.62 -6.05 16.76
CA GLU E 7 20.23 -5.81 16.41
C GLU E 7 19.87 -6.51 15.09
N GLN E 8 20.78 -6.47 14.13
CA GLN E 8 20.57 -7.12 12.84
C GLN E 8 20.25 -8.59 13.02
N ILE E 9 21.18 -9.29 13.65
CA ILE E 9 21.02 -10.71 13.91
C ILE E 9 19.73 -10.91 14.69
N ALA E 10 19.45 -9.97 15.60
CA ALA E 10 18.26 -10.03 16.43
C ALA E 10 17.05 -9.89 15.52
N GLU E 11 17.14 -8.97 14.55
CA GLU E 11 16.05 -8.74 13.61
C GLU E 11 15.86 -9.93 12.69
N PHE E 12 16.94 -10.67 12.44
CA PHE E 12 16.88 -11.87 11.63
C PHE E 12 16.20 -12.97 12.47
N LYS E 13 16.44 -12.95 13.77
CA LYS E 13 15.82 -13.95 14.64
C LYS E 13 14.34 -13.60 14.71
N GLU E 14 14.04 -12.32 14.88
CA GLU E 14 12.66 -11.86 14.94
C GLU E 14 11.92 -12.21 13.65
N ALA E 15 12.62 -12.12 12.53
CA ALA E 15 12.04 -12.41 11.23
C ALA E 15 11.74 -13.89 11.19
N PHE E 16 12.74 -14.65 11.64
CA PHE E 16 12.68 -16.08 11.69
C PHE E 16 11.42 -16.57 12.41
N SER E 17 11.06 -15.88 13.50
CA SER E 17 9.88 -16.23 14.29
C SER E 17 8.59 -16.13 13.49
N LEU E 18 8.56 -15.23 12.51
CA LEU E 18 7.38 -15.06 11.69
C LEU E 18 7.14 -16.37 10.94
N PHE E 19 8.22 -17.07 10.62
CA PHE E 19 8.10 -18.33 9.92
C PHE E 19 7.85 -19.44 10.93
N ASP E 20 8.80 -19.59 11.85
CA ASP E 20 8.75 -20.61 12.90
C ASP E 20 7.67 -20.31 13.96
N LYS E 21 6.42 -20.43 13.51
CA LYS E 21 5.23 -20.15 14.31
C LYS E 21 5.05 -21.03 15.55
N ASP E 22 5.56 -22.26 15.47
CA ASP E 22 5.47 -23.20 16.59
C ASP E 22 6.59 -22.98 17.57
N GLY E 23 7.50 -22.07 17.22
CA GLY E 23 8.61 -21.77 18.11
C GLY E 23 9.49 -22.96 18.39
N ASP E 24 9.33 -24.02 17.61
CA ASP E 24 10.14 -25.20 17.81
C ASP E 24 11.61 -24.84 17.60
N GLY E 25 11.85 -23.76 16.86
CA GLY E 25 13.20 -23.32 16.58
C GLY E 25 13.70 -23.66 15.19
N THR E 26 12.86 -24.29 14.37
CA THR E 26 13.22 -24.64 13.01
C THR E 26 12.03 -24.39 12.08
N ILE E 27 12.29 -24.39 10.77
CA ILE E 27 11.24 -24.14 9.79
C ILE E 27 11.02 -25.30 8.84
N THR E 28 9.82 -25.86 8.90
CA THR E 28 9.42 -26.97 8.05
C THR E 28 8.66 -26.41 6.86
N THR E 29 8.34 -27.28 5.91
CA THR E 29 7.59 -26.89 4.73
C THR E 29 6.19 -26.42 5.09
N LYS E 30 5.67 -26.96 6.18
CA LYS E 30 4.34 -26.59 6.65
C LYS E 30 4.35 -25.13 7.03
N GLU E 31 5.39 -24.74 7.77
CA GLU E 31 5.53 -23.36 8.22
C GLU E 31 5.78 -22.45 7.02
N LEU E 32 6.67 -22.85 6.12
CA LEU E 32 6.99 -22.07 4.93
C LEU E 32 5.71 -21.83 4.15
N GLY E 33 5.11 -22.92 3.66
CA GLY E 33 3.87 -22.83 2.91
C GLY E 33 2.86 -21.89 3.52
N THR E 34 2.57 -22.05 4.80
CA THR E 34 1.61 -21.18 5.48
C THR E 34 1.95 -19.72 5.22
N VAL E 35 3.17 -19.35 5.56
CA VAL E 35 3.63 -17.98 5.35
C VAL E 35 3.44 -17.62 3.88
N MET E 36 3.90 -18.50 2.98
CA MET E 36 3.81 -18.24 1.56
C MET E 36 2.40 -18.04 1.03
N ARG E 37 1.50 -18.97 1.36
CA ARG E 37 0.13 -18.86 0.92
C ARG E 37 -0.48 -17.58 1.44
N SER E 38 -0.17 -17.23 2.68
CA SER E 38 -0.68 -15.99 3.27
C SER E 38 -0.38 -14.79 2.39
N LEU E 39 0.79 -14.79 1.75
CA LEU E 39 1.19 -13.70 0.87
C LEU E 39 0.72 -13.89 -0.56
N GLY E 40 -0.37 -14.63 -0.73
CA GLY E 40 -0.92 -14.88 -2.05
C GLY E 40 -0.12 -15.83 -2.90
N GLN E 41 1.06 -16.20 -2.43
CA GLN E 41 1.91 -17.12 -3.17
C GLN E 41 1.51 -18.52 -2.77
N ASN E 42 0.95 -19.27 -3.72
CA ASN E 42 0.50 -20.61 -3.43
C ASN E 42 1.25 -21.74 -4.13
N PRO E 43 2.24 -22.34 -3.44
CA PRO E 43 3.05 -23.44 -3.94
C PRO E 43 2.73 -24.71 -3.13
N THR E 44 2.72 -25.86 -3.78
CA THR E 44 2.40 -27.09 -3.06
C THR E 44 3.63 -27.62 -2.32
N GLU E 45 3.43 -28.64 -1.48
CA GLU E 45 4.52 -29.26 -0.69
C GLU E 45 5.75 -29.62 -1.51
N ALA E 46 5.60 -29.67 -2.83
CA ALA E 46 6.70 -29.97 -3.72
C ALA E 46 7.68 -28.80 -3.75
N GLU E 47 7.24 -27.67 -4.29
CA GLU E 47 8.08 -26.49 -4.37
C GLU E 47 8.73 -26.20 -3.01
N LEU E 48 7.91 -26.22 -1.97
CA LEU E 48 8.40 -25.98 -0.63
C LEU E 48 9.57 -26.90 -0.26
N GLN E 49 9.46 -28.17 -0.62
CA GLN E 49 10.51 -29.13 -0.30
C GLN E 49 11.85 -28.74 -0.90
N ASP E 50 11.89 -28.55 -2.22
CA ASP E 50 13.15 -28.18 -2.86
C ASP E 50 13.66 -26.81 -2.45
N MET E 51 12.76 -25.94 -1.97
CA MET E 51 13.18 -24.61 -1.52
C MET E 51 14.04 -24.81 -0.27
N ILE E 52 13.66 -25.79 0.54
CA ILE E 52 14.39 -26.13 1.74
C ILE E 52 15.79 -26.68 1.40
N ASN E 53 15.89 -27.34 0.25
CA ASN E 53 17.15 -27.92 -0.20
C ASN E 53 18.26 -26.93 -0.55
N GLU E 54 17.91 -25.75 -1.05
CA GLU E 54 18.94 -24.77 -1.42
C GLU E 54 19.67 -24.21 -0.19
N VAL E 55 19.04 -24.31 0.96
CA VAL E 55 19.64 -23.79 2.19
C VAL E 55 20.10 -24.88 3.16
N ASP E 56 19.27 -25.89 3.37
CA ASP E 56 19.55 -26.98 4.30
C ASP E 56 20.91 -27.67 4.12
N ALA E 57 21.91 -27.08 4.75
CA ALA E 57 23.29 -27.57 4.71
C ALA E 57 23.47 -28.84 5.51
N ASP E 58 22.78 -28.94 6.64
CA ASP E 58 22.89 -30.13 7.47
C ASP E 58 21.99 -31.26 6.97
N GLY E 59 21.30 -31.04 5.86
CA GLY E 59 20.42 -32.03 5.28
C GLY E 59 19.28 -32.55 6.16
N ASN E 60 18.93 -31.80 7.21
CA ASN E 60 17.87 -32.22 8.12
C ASN E 60 16.42 -31.92 7.69
N GLY E 61 16.23 -31.58 6.41
CA GLY E 61 14.90 -31.27 5.89
C GLY E 61 14.21 -30.04 6.44
N THR E 62 14.85 -29.35 7.39
CA THR E 62 14.27 -28.15 7.97
C THR E 62 15.31 -27.06 8.08
N ILE E 63 14.85 -25.83 8.06
CA ILE E 63 15.73 -24.69 8.16
C ILE E 63 15.84 -24.25 9.61
N ASP E 64 17.06 -24.23 10.15
CA ASP E 64 17.28 -23.74 11.51
C ASP E 64 17.92 -22.34 11.40
N PHE E 65 17.99 -21.60 12.50
CA PHE E 65 18.56 -20.24 12.43
C PHE E 65 19.92 -20.07 11.81
N PRO E 66 20.90 -20.96 12.11
CA PRO E 66 22.19 -20.72 11.46
C PRO E 66 22.04 -20.86 9.94
N GLU E 67 21.23 -21.82 9.50
CA GLU E 67 20.99 -22.03 8.07
C GLU E 67 20.26 -20.84 7.46
N PHE E 68 19.21 -20.39 8.15
CA PHE E 68 18.44 -19.24 7.71
C PHE E 68 19.32 -18.01 7.68
N LEU E 69 20.23 -17.92 8.65
CA LEU E 69 21.13 -16.79 8.77
C LEU E 69 22.08 -16.73 7.60
N THR E 70 22.73 -17.85 7.30
CA THR E 70 23.65 -17.90 6.16
C THR E 70 22.93 -17.52 4.87
N MET E 71 21.72 -18.02 4.67
CA MET E 71 20.93 -17.69 3.48
C MET E 71 20.78 -16.16 3.39
N MET E 72 20.33 -15.55 4.48
CA MET E 72 20.14 -14.10 4.53
C MET E 72 21.39 -13.23 4.53
N ALA E 73 22.52 -13.77 4.96
CA ALA E 73 23.76 -13.01 4.98
C ALA E 73 24.52 -13.23 3.67
N ARG E 74 24.08 -14.23 2.91
CA ARG E 74 24.68 -14.58 1.63
C ARG E 74 24.56 -13.37 0.70
N LYS E 75 25.69 -12.72 0.40
CA LYS E 75 25.67 -11.55 -0.48
C LYS E 75 25.54 -11.93 -1.95
N MET E 76 24.71 -11.19 -2.67
CA MET E 76 24.47 -11.44 -4.09
C MET E 76 24.91 -10.23 -4.91
N LYS E 77 24.80 -10.36 -6.22
CA LYS E 77 25.15 -9.29 -7.14
C LYS E 77 24.14 -8.16 -7.01
N ASP E 78 24.59 -6.94 -7.16
CA ASP E 78 23.73 -5.77 -7.05
C ASP E 78 22.45 -5.88 -7.88
N THR E 79 22.55 -6.52 -9.04
CA THR E 79 21.37 -6.67 -9.87
C THR E 79 20.40 -7.65 -9.24
N ASP E 80 20.93 -8.66 -8.55
CA ASP E 80 20.10 -9.66 -7.88
C ASP E 80 19.42 -9.07 -6.67
N SER E 81 20.17 -8.25 -5.93
CA SER E 81 19.64 -7.59 -4.75
C SER E 81 18.47 -6.68 -5.13
N GLU E 82 18.66 -5.85 -6.15
CA GLU E 82 17.60 -4.94 -6.59
C GLU E 82 16.30 -5.71 -6.90
N GLU E 83 16.43 -6.81 -7.63
CA GLU E 83 15.30 -7.65 -8.00
C GLU E 83 14.69 -8.25 -6.74
N GLU E 84 15.54 -8.56 -5.77
CA GLU E 84 15.08 -9.11 -4.51
C GLU E 84 14.15 -8.07 -3.85
N ILE E 85 14.49 -6.81 -3.96
CA ILE E 85 13.66 -5.75 -3.38
C ILE E 85 12.44 -5.41 -4.25
N ARG E 86 12.63 -5.38 -5.58
CA ARG E 86 11.54 -5.10 -6.53
C ARG E 86 10.47 -6.13 -6.28
N GLU E 87 10.89 -7.36 -6.09
CA GLU E 87 9.95 -8.43 -5.83
C GLU E 87 9.32 -8.25 -4.45
N ALA E 88 10.13 -7.85 -3.48
CA ALA E 88 9.63 -7.62 -2.15
C ALA E 88 8.60 -6.51 -2.23
N PHE E 89 8.85 -5.53 -3.09
CA PHE E 89 7.91 -4.45 -3.20
C PHE E 89 6.59 -4.95 -3.75
N ARG E 90 6.69 -5.77 -4.80
CA ARG E 90 5.51 -6.33 -5.41
C ARG E 90 4.58 -7.08 -4.45
N VAL E 91 5.15 -7.83 -3.52
CA VAL E 91 4.32 -8.56 -2.55
C VAL E 91 3.46 -7.59 -1.75
N PHE E 92 4.07 -6.56 -1.17
CA PHE E 92 3.34 -5.57 -0.39
C PHE E 92 2.26 -4.87 -1.18
N ASP E 93 2.62 -4.40 -2.37
CA ASP E 93 1.72 -3.70 -3.26
C ASP E 93 0.97 -4.72 -4.09
N LYS E 94 -0.02 -5.35 -3.48
CA LYS E 94 -0.77 -6.35 -4.21
C LYS E 94 -1.71 -5.85 -5.28
N ASP E 95 -2.12 -4.58 -5.22
CA ASP E 95 -2.99 -4.09 -6.29
C ASP E 95 -2.13 -3.65 -7.46
N GLY E 96 -0.85 -3.97 -7.39
CA GLY E 96 0.10 -3.66 -8.44
C GLY E 96 -0.07 -2.29 -9.04
N ASN E 97 -0.35 -1.31 -8.20
CA ASN E 97 -0.55 0.07 -8.66
C ASN E 97 0.67 0.93 -8.42
N GLY E 98 1.74 0.31 -7.95
CA GLY E 98 2.98 1.01 -7.67
C GLY E 98 3.14 1.68 -6.32
N TYR E 99 2.10 1.68 -5.49
CA TYR E 99 2.18 2.32 -4.20
C TYR E 99 1.70 1.34 -3.13
N ILE E 100 2.31 1.38 -1.95
CA ILE E 100 1.85 0.51 -0.86
C ILE E 100 0.99 1.36 0.08
N SER E 101 -0.29 1.05 0.15
CA SER E 101 -1.22 1.80 0.98
C SER E 101 -1.14 1.29 2.41
N ALA E 102 -1.74 2.04 3.32
CA ALA E 102 -1.77 1.66 4.74
C ALA E 102 -2.51 0.34 4.83
N ALA E 103 -3.44 0.13 3.89
CA ALA E 103 -4.23 -1.09 3.84
C ALA E 103 -3.36 -2.25 3.37
N GLU E 104 -2.53 -1.98 2.35
CA GLU E 104 -1.69 -3.03 1.82
C GLU E 104 -0.67 -3.49 2.84
N LEU E 105 0.03 -2.54 3.45
CA LEU E 105 1.05 -2.86 4.46
C LEU E 105 0.45 -3.60 5.64
N ARG E 106 -0.65 -3.07 6.16
CA ARG E 106 -1.36 -3.67 7.28
C ARG E 106 -1.71 -5.09 6.88
N HIS E 107 -2.13 -5.27 5.63
CA HIS E 107 -2.50 -6.58 5.15
C HIS E 107 -1.32 -7.55 5.13
N VAL E 108 -0.14 -7.08 4.77
CA VAL E 108 1.01 -7.97 4.73
C VAL E 108 1.43 -8.39 6.12
N MET E 109 1.61 -7.41 7.01
CA MET E 109 2.02 -7.71 8.37
C MET E 109 1.07 -8.67 9.06
N THR E 110 -0.22 -8.41 8.92
CA THR E 110 -1.20 -9.28 9.53
C THR E 110 -1.08 -10.66 8.91
N ASN E 111 -0.91 -10.71 7.59
CA ASN E 111 -0.78 -11.96 6.87
C ASN E 111 0.47 -12.72 7.31
N LEU E 112 1.48 -11.97 7.74
CA LEU E 112 2.72 -12.57 8.21
C LEU E 112 2.52 -13.11 9.61
N GLY E 113 1.70 -12.41 10.40
CA GLY E 113 1.41 -12.85 11.74
C GLY E 113 1.97 -11.94 12.82
N GLU E 114 1.87 -10.63 12.61
CA GLU E 114 2.38 -9.70 13.59
C GLU E 114 1.40 -8.59 13.83
N LYS E 115 0.12 -8.95 13.99
CA LYS E 115 -0.96 -7.99 14.24
C LYS E 115 -0.48 -6.80 15.06
N LEU E 116 -0.95 -5.63 14.69
CA LEU E 116 -0.54 -4.41 15.33
C LEU E 116 -1.62 -3.34 15.30
N THR E 117 -1.43 -2.31 16.12
CA THR E 117 -2.36 -1.20 16.23
C THR E 117 -2.49 -0.45 14.89
N ASP E 118 -3.57 0.32 14.74
CA ASP E 118 -3.78 1.11 13.52
C ASP E 118 -2.77 2.26 13.52
N GLU E 119 -2.68 2.96 14.65
CA GLU E 119 -1.73 4.07 14.79
C GLU E 119 -0.34 3.57 14.40
N GLU E 120 -0.05 2.33 14.77
CA GLU E 120 1.23 1.73 14.47
C GLU E 120 1.45 1.66 12.96
N VAL E 121 0.53 1.02 12.23
CA VAL E 121 0.66 0.93 10.78
C VAL E 121 0.75 2.31 10.14
N ASP E 122 0.11 3.30 10.75
CA ASP E 122 0.15 4.67 10.23
C ASP E 122 1.49 5.34 10.46
N GLU E 123 2.06 5.20 11.66
CA GLU E 123 3.36 5.81 11.93
C GLU E 123 4.41 5.15 11.03
N MET E 124 4.22 3.87 10.72
CA MET E 124 5.13 3.13 9.82
C MET E 124 5.02 3.71 8.42
N ILE E 125 3.80 4.09 8.05
CA ILE E 125 3.56 4.68 6.75
C ILE E 125 4.31 5.99 6.78
N ARG E 126 3.97 6.82 7.78
CA ARG E 126 4.60 8.11 7.96
C ARG E 126 6.14 8.02 8.00
N GLU E 127 6.66 6.88 8.43
CA GLU E 127 8.10 6.67 8.50
C GLU E 127 8.78 6.57 7.13
N ALA E 128 8.11 5.94 6.18
CA ALA E 128 8.64 5.77 4.82
C ALA E 128 8.13 6.83 3.86
N ASP E 129 6.91 7.28 4.10
CA ASP E 129 6.27 8.27 3.24
C ASP E 129 7.02 9.61 3.24
N ILE E 130 8.10 9.70 2.48
CA ILE E 130 8.89 10.93 2.41
C ILE E 130 8.11 12.09 1.78
N ASP E 131 7.56 11.87 0.60
CA ASP E 131 6.84 12.88 -0.17
C ASP E 131 5.47 13.32 0.37
N GLY E 132 4.95 12.60 1.34
CA GLY E 132 3.66 12.98 1.89
C GLY E 132 2.44 12.40 1.22
N ASP E 133 2.61 11.62 0.16
CA ASP E 133 1.46 11.02 -0.54
C ASP E 133 0.55 10.21 0.41
N GLY E 134 1.13 9.74 1.50
CA GLY E 134 0.38 8.95 2.45
C GLY E 134 0.46 7.49 2.07
N GLN E 135 1.31 7.20 1.08
CA GLN E 135 1.52 5.85 0.58
C GLN E 135 3.02 5.66 0.34
N VAL E 136 3.48 4.42 0.42
CA VAL E 136 4.90 4.15 0.20
C VAL E 136 5.20 3.58 -1.19
N ASN E 137 5.94 4.33 -2.01
CA ASN E 137 6.28 3.88 -3.34
C ASN E 137 7.56 3.04 -3.36
N TYR E 138 8.04 2.65 -4.55
CA TYR E 138 9.22 1.81 -4.65
C TYR E 138 10.46 2.39 -4.01
N GLU E 139 10.75 3.65 -4.29
CA GLU E 139 11.92 4.31 -3.74
C GLU E 139 11.87 4.34 -2.20
N GLU E 140 10.82 4.95 -1.65
CA GLU E 140 10.60 5.05 -0.22
C GLU E 140 10.85 3.69 0.40
N PHE E 141 10.27 2.67 -0.19
CA PHE E 141 10.43 1.29 0.29
C PHE E 141 11.87 0.84 0.29
N VAL E 142 12.63 1.22 -0.74
CA VAL E 142 14.03 0.82 -0.80
C VAL E 142 14.79 1.40 0.39
N GLN E 143 14.59 2.69 0.64
CA GLN E 143 15.24 3.39 1.76
C GLN E 143 14.90 2.75 3.11
N MET E 144 13.78 2.04 3.17
CA MET E 144 13.35 1.39 4.39
C MET E 144 14.06 0.07 4.61
N MET E 145 14.42 -0.59 3.51
CA MET E 145 15.08 -1.89 3.59
C MET E 145 16.60 -1.74 3.61
N THR E 146 17.08 -0.51 3.72
CA THR E 146 18.53 -0.22 3.75
C THR E 146 18.92 0.47 5.07
N ALA F 1 8.40 3.41 14.31
CA ALA F 1 8.80 2.00 14.58
C ALA F 1 9.63 1.40 13.44
N ARG F 2 10.82 1.96 13.23
CA ARG F 2 11.74 1.51 12.19
C ARG F 2 11.91 -0.02 12.16
N ARG F 3 12.23 -0.59 13.33
CA ARG F 3 12.46 -2.02 13.55
C ARG F 3 11.42 -2.95 12.90
N LYS F 4 10.15 -2.58 12.99
CA LYS F 4 9.08 -3.40 12.42
C LYS F 4 9.12 -3.51 10.90
N TRP F 5 9.67 -2.50 10.23
CA TRP F 5 9.80 -2.50 8.77
C TRP F 5 10.82 -3.56 8.35
N GLN F 6 11.99 -3.58 8.99
CA GLN F 6 13.03 -4.53 8.63
C GLN F 6 12.61 -5.95 8.97
N LYS F 7 11.86 -6.08 10.05
CA LYS F 7 11.39 -7.37 10.48
C LYS F 7 10.57 -7.93 9.32
N THR F 8 9.49 -7.25 8.96
CA THR F 8 8.63 -7.71 7.88
C THR F 8 9.40 -7.88 6.57
N GLY F 9 10.29 -6.93 6.29
CA GLY F 9 11.09 -6.97 5.07
C GLY F 9 11.95 -8.20 4.93
N HIS F 10 12.62 -8.58 6.01
CA HIS F 10 13.49 -9.76 6.01
C HIS F 10 12.68 -10.99 5.70
N ALA F 11 11.54 -11.09 6.37
CA ALA F 11 10.63 -12.20 6.22
C ALA F 11 10.18 -12.27 4.76
N VAL F 12 9.87 -11.11 4.18
CA VAL F 12 9.44 -11.06 2.78
C VAL F 12 10.57 -11.45 1.85
N ARG F 13 11.77 -10.91 2.11
CA ARG F 13 12.93 -11.22 1.29
C ARG F 13 13.32 -12.69 1.40
N ALA F 14 13.06 -13.30 2.57
CA ALA F 14 13.39 -14.70 2.78
C ALA F 14 12.71 -15.54 1.71
N ILE F 15 11.44 -15.23 1.48
CA ILE F 15 10.68 -15.95 0.46
C ILE F 15 11.41 -15.90 -0.87
N GLY F 16 11.56 -14.69 -1.40
CA GLY F 16 12.25 -14.52 -2.68
C GLY F 16 13.57 -15.27 -2.77
N ARG F 17 14.34 -15.27 -1.69
CA ARG F 17 15.63 -15.95 -1.70
C ARG F 17 15.44 -17.46 -1.74
N LEU F 18 14.44 -17.95 -1.03
CA LEU F 18 14.16 -19.39 -0.98
C LEU F 18 13.62 -19.92 -2.31
N SER F 19 13.82 -19.16 -3.39
CA SER F 19 13.35 -19.57 -4.69
C SER F 19 14.48 -19.62 -5.72
N SER F 20 14.96 -20.84 -5.97
CA SER F 20 16.03 -21.07 -6.93
C SER F 20 15.88 -22.52 -7.49
N THR G 5 26.52 18.64 34.02
CA THR G 5 25.38 17.95 33.38
C THR G 5 24.31 17.83 34.46
N GLU G 6 23.80 18.97 34.90
CA GLU G 6 22.81 18.99 35.96
C GLU G 6 21.41 18.54 35.62
N GLU G 7 20.59 19.44 35.10
CA GLU G 7 19.23 19.12 34.76
C GLU G 7 19.18 17.87 33.89
N GLN G 8 20.11 17.76 32.95
CA GLN G 8 20.18 16.61 32.04
C GLN G 8 20.03 15.26 32.75
N ILE G 9 20.93 15.00 33.70
CA ILE G 9 20.90 13.75 34.45
C ILE G 9 19.63 13.67 35.29
N ALA G 10 19.26 14.80 35.90
CA ALA G 10 18.05 14.86 36.72
C ALA G 10 16.87 14.37 35.91
N GLU G 11 16.82 14.85 34.65
CA GLU G 11 15.77 14.51 33.70
C GLU G 11 15.81 13.05 33.26
N PHE G 12 16.99 12.52 32.98
CA PHE G 12 17.06 11.13 32.58
C PHE G 12 16.52 10.26 33.72
N LYS G 13 16.68 10.73 34.95
CA LYS G 13 16.17 10.01 36.11
C LYS G 13 14.66 10.20 36.19
N GLU G 14 14.19 11.41 35.84
CA GLU G 14 12.76 11.73 35.82
C GLU G 14 12.06 10.92 34.73
N ALA G 15 12.77 10.75 33.61
CA ALA G 15 12.26 9.97 32.48
C ALA G 15 12.26 8.51 32.90
N PHE G 16 13.37 8.10 33.51
CA PHE G 16 13.53 6.74 34.02
C PHE G 16 12.34 6.37 34.89
N SER G 17 11.80 7.37 35.60
CA SER G 17 10.64 7.16 36.48
C SER G 17 9.36 6.70 35.76
N LEU G 18 9.03 7.33 34.63
CA LEU G 18 7.81 6.94 33.91
C LEU G 18 7.93 5.46 33.53
N PHE G 19 9.14 5.03 33.19
CA PHE G 19 9.36 3.63 32.81
C PHE G 19 9.32 2.74 34.03
N ASP G 20 10.14 3.06 35.01
CA ASP G 20 10.22 2.30 36.26
C ASP G 20 9.07 2.76 37.15
N LYS G 21 7.86 2.37 36.77
CA LYS G 21 6.67 2.74 37.51
C LYS G 21 6.55 2.15 38.91
N ASP G 22 7.18 1.00 39.15
CA ASP G 22 7.13 0.38 40.49
C ASP G 22 8.27 0.86 41.38
N GLY G 23 8.98 1.88 40.90
CA GLY G 23 10.09 2.47 41.65
C GLY G 23 11.19 1.55 42.16
N ASP G 24 11.30 0.34 41.62
CA ASP G 24 12.35 -0.59 42.06
C ASP G 24 13.74 -0.27 41.51
N GLY G 25 13.89 0.91 40.90
CA GLY G 25 15.17 1.33 40.35
C GLY G 25 15.61 0.48 39.17
N THR G 26 14.65 -0.20 38.55
CA THR G 26 14.92 -1.08 37.42
C THR G 26 13.72 -1.16 36.48
N ILE G 27 14.02 -1.21 35.19
CA ILE G 27 13.00 -1.30 34.14
C ILE G 27 13.01 -2.71 33.56
N THR G 28 11.95 -3.46 33.81
CA THR G 28 11.81 -4.82 33.29
C THR G 28 11.04 -4.81 31.97
N THR G 29 10.92 -5.98 31.35
CA THR G 29 10.19 -6.14 30.08
C THR G 29 8.78 -5.60 30.23
N LYS G 30 8.12 -6.02 31.31
CA LYS G 30 6.76 -5.62 31.61
C LYS G 30 6.57 -4.12 31.75
N GLU G 31 7.42 -3.48 32.55
CA GLU G 31 7.36 -2.04 32.77
C GLU G 31 7.38 -1.36 31.40
N LEU G 32 8.48 -1.55 30.69
CA LEU G 32 8.66 -0.99 29.35
C LEU G 32 7.45 -1.31 28.52
N GLY G 33 7.19 -2.61 28.38
CA GLY G 33 6.07 -3.12 27.61
C GLY G 33 4.81 -2.30 27.73
N THR G 34 4.30 -2.14 28.95
CA THR G 34 3.08 -1.37 29.13
C THR G 34 3.26 0.09 28.71
N VAL G 35 4.48 0.62 28.84
CA VAL G 35 4.75 2.01 28.45
C VAL G 35 4.59 2.17 26.92
N MET G 36 5.25 1.29 26.16
CA MET G 36 5.18 1.32 24.70
C MET G 36 3.73 1.20 24.26
N ARG G 37 3.10 0.14 24.74
CA ARG G 37 1.70 -0.18 24.45
C ARG G 37 0.79 1.02 24.70
N SER G 38 1.19 1.89 25.63
CA SER G 38 0.42 3.09 25.95
C SER G 38 0.59 4.16 24.88
N LEU G 39 1.77 4.23 24.28
CA LEU G 39 2.02 5.20 23.23
C LEU G 39 1.75 4.61 21.84
N GLY G 40 0.77 3.72 21.78
CA GLY G 40 0.39 3.09 20.53
C GLY G 40 1.39 2.15 19.88
N GLN G 41 1.85 1.14 20.62
CA GLN G 41 2.81 0.17 20.08
C GLN G 41 2.52 -1.19 20.70
N ASN G 42 2.37 -2.21 19.86
CA ASN G 42 2.07 -3.56 20.33
C ASN G 42 3.19 -4.54 20.00
N PRO G 43 4.28 -4.53 20.79
CA PRO G 43 5.43 -5.42 20.59
C PRO G 43 5.22 -6.78 21.22
N THR G 44 5.97 -7.78 20.76
CA THR G 44 5.86 -9.11 21.33
C THR G 44 6.87 -9.20 22.47
N GLU G 45 6.59 -10.05 23.46
CA GLU G 45 7.49 -10.22 24.61
C GLU G 45 8.92 -10.44 24.15
N ALA G 46 9.07 -11.24 23.09
CA ALA G 46 10.36 -11.55 22.51
C ALA G 46 11.00 -10.27 21.99
N GLU G 47 10.17 -9.31 21.54
CA GLU G 47 10.71 -8.05 21.06
C GLU G 47 11.21 -7.23 22.24
N LEU G 48 10.45 -7.24 23.33
CA LEU G 48 10.83 -6.50 24.54
C LEU G 48 12.17 -7.06 25.02
N GLN G 49 12.25 -8.38 25.14
CA GLN G 49 13.46 -9.04 25.60
C GLN G 49 14.67 -8.65 24.79
N ASP G 50 14.47 -8.44 23.50
CA ASP G 50 15.57 -8.07 22.60
C ASP G 50 15.99 -6.63 22.73
N MET G 51 15.02 -5.75 22.87
CA MET G 51 15.33 -4.33 23.02
C MET G 51 16.13 -4.12 24.30
N ILE G 52 15.77 -4.87 25.35
CA ILE G 52 16.46 -4.81 26.62
C ILE G 52 17.83 -5.46 26.43
N ASN G 53 17.81 -6.66 25.87
CA ASN G 53 19.02 -7.45 25.61
C ASN G 53 20.19 -6.68 25.05
N GLU G 54 19.92 -5.61 24.31
CA GLU G 54 21.00 -4.83 23.72
C GLU G 54 21.48 -3.63 24.53
N VAL G 55 20.72 -3.22 25.53
CA VAL G 55 21.15 -2.11 26.37
C VAL G 55 21.62 -2.63 27.72
N ASP G 56 21.17 -3.83 28.06
CA ASP G 56 21.54 -4.46 29.32
C ASP G 56 22.97 -4.94 29.28
N ALA G 57 23.86 -4.13 29.82
CA ALA G 57 25.28 -4.42 29.87
C ALA G 57 25.67 -5.65 30.71
N ASP G 58 25.46 -5.58 32.02
CA ASP G 58 25.82 -6.68 32.92
C ASP G 58 25.07 -7.99 32.65
N GLY G 59 23.98 -7.90 31.93
CA GLY G 59 23.21 -9.10 31.62
C GLY G 59 22.28 -9.49 32.75
N ASN G 60 21.80 -8.50 33.51
CA ASN G 60 20.88 -8.76 34.60
C ASN G 60 19.43 -8.74 34.13
N GLY G 61 19.22 -9.01 32.85
CA GLY G 61 17.89 -9.03 32.27
C GLY G 61 17.05 -7.76 32.43
N THR G 62 17.66 -6.69 32.91
CA THR G 62 16.92 -5.46 33.12
C THR G 62 17.78 -4.21 33.02
N ILE G 63 17.10 -3.12 32.69
CA ILE G 63 17.71 -1.82 32.51
C ILE G 63 17.64 -0.99 33.79
N ASP G 64 18.78 -0.79 34.43
CA ASP G 64 18.84 0.04 35.63
C ASP G 64 19.27 1.43 35.17
N PHE G 65 19.19 2.44 36.04
CA PHE G 65 19.53 3.80 35.62
C PHE G 65 20.86 4.06 34.90
N PRO G 66 21.98 3.47 35.35
CA PRO G 66 23.19 3.77 34.59
C PRO G 66 23.07 3.19 33.18
N GLU G 67 22.47 2.00 33.06
CA GLU G 67 22.29 1.37 31.74
C GLU G 67 21.39 2.25 30.88
N PHE G 68 20.38 2.84 31.53
CA PHE G 68 19.44 3.75 30.86
C PHE G 68 20.20 4.99 30.43
N LEU G 69 20.93 5.59 31.39
CA LEU G 69 21.71 6.80 31.15
C LEU G 69 22.72 6.56 30.03
N THR G 70 23.36 5.39 30.04
CA THR G 70 24.33 5.02 29.01
C THR G 70 23.63 5.17 27.66
N MET G 71 22.61 4.36 27.45
CA MET G 71 21.84 4.42 26.22
C MET G 71 21.39 5.84 25.90
N MET G 72 20.80 6.51 26.89
CA MET G 72 20.28 7.85 26.71
C MET G 72 21.27 8.96 26.46
N ALA G 73 22.55 8.71 26.69
CA ALA G 73 23.56 9.75 26.47
C ALA G 73 24.51 9.42 25.33
N ARG G 74 24.31 8.24 24.72
CA ARG G 74 25.14 7.78 23.62
C ARG G 74 25.35 8.80 22.53
N LYS G 75 26.39 8.58 21.73
CA LYS G 75 26.73 9.48 20.62
C LYS G 75 25.88 9.21 19.38
N MET G 76 25.03 10.17 19.04
CA MET G 76 24.14 10.06 17.90
C MET G 76 24.59 11.00 16.79
N LYS G 77 24.67 10.47 15.58
CA LYS G 77 25.09 11.24 14.43
C LYS G 77 23.93 12.20 14.21
N ASP G 78 24.24 13.43 13.84
CA ASP G 78 23.20 14.44 13.62
C ASP G 78 21.99 13.92 12.84
N THR G 79 22.22 13.22 11.74
CA THR G 79 21.13 12.68 10.93
C THR G 79 20.23 11.82 11.80
N ASP G 80 20.86 10.96 12.61
CA ASP G 80 20.13 10.06 13.50
C ASP G 80 19.36 10.86 14.54
N SER G 81 20.00 11.91 15.07
CA SER G 81 19.35 12.76 16.06
C SER G 81 18.09 13.44 15.53
N GLU G 82 18.15 13.94 14.30
CA GLU G 82 16.99 14.61 13.71
C GLU G 82 15.84 13.63 13.55
N GLU G 83 16.13 12.46 13.00
CA GLU G 83 15.12 11.41 12.78
C GLU G 83 14.45 11.08 14.12
N GLU G 84 15.27 10.99 15.15
CA GLU G 84 14.83 10.70 16.52
C GLU G 84 13.83 11.76 17.01
N ILE G 85 14.20 13.03 16.84
CA ILE G 85 13.31 14.13 17.22
C ILE G 85 12.05 13.93 16.40
N ARG G 86 12.23 13.91 15.08
CA ARG G 86 11.13 13.74 14.13
C ARG G 86 10.14 12.66 14.56
N GLU G 87 10.63 11.46 14.84
CA GLU G 87 9.76 10.37 15.26
C GLU G 87 9.13 10.71 16.61
N ALA G 88 9.86 11.40 17.47
CA ALA G 88 9.30 11.79 18.76
C ALA G 88 8.16 12.77 18.52
N PHE G 89 8.34 13.69 17.57
CA PHE G 89 7.32 14.68 17.24
C PHE G 89 6.07 13.97 16.76
N ARG G 90 6.26 12.98 15.89
CA ARG G 90 5.18 12.20 15.31
C ARG G 90 4.31 11.52 16.36
N VAL G 91 4.84 11.39 17.56
CA VAL G 91 4.10 10.76 18.64
C VAL G 91 3.19 11.77 19.31
N PHE G 92 3.62 13.02 19.36
CA PHE G 92 2.80 14.06 19.96
C PHE G 92 1.72 14.45 18.97
N ASP G 93 2.09 14.52 17.69
CA ASP G 93 1.14 14.88 16.63
C ASP G 93 0.29 13.68 16.23
N LYS G 94 -0.71 13.40 17.06
CA LYS G 94 -1.64 12.30 16.85
C LYS G 94 -2.28 12.36 15.47
N ASP G 95 -2.69 13.56 15.07
CA ASP G 95 -3.33 13.77 13.78
C ASP G 95 -2.35 14.11 12.66
N GLY G 96 -1.07 14.08 12.95
CA GLY G 96 -0.05 14.37 11.95
C GLY G 96 -0.34 15.58 11.09
N ASN G 97 -0.80 16.66 11.72
CA ASN G 97 -1.12 17.88 10.99
C ASN G 97 0.07 18.83 10.92
N GLY G 98 1.19 18.41 11.53
CA GLY G 98 2.38 19.24 11.57
C GLY G 98 2.46 20.11 12.81
N TYR G 99 1.46 19.98 13.68
CA TYR G 99 1.37 20.76 14.92
C TYR G 99 0.83 19.91 16.05
N ILE G 100 1.22 20.30 17.26
CA ILE G 100 0.77 19.63 18.47
C ILE G 100 -0.08 20.68 19.18
N SER G 101 -1.27 20.28 19.62
CA SER G 101 -2.17 21.21 20.32
C SER G 101 -2.23 20.88 21.81
N ALA G 102 -3.04 21.64 22.55
CA ALA G 102 -3.22 21.43 23.97
C ALA G 102 -3.66 19.98 24.20
N ALA G 103 -4.73 19.58 23.52
CA ALA G 103 -5.25 18.23 23.64
C ALA G 103 -4.24 17.20 23.16
N GLU G 104 -3.39 17.60 22.22
CA GLU G 104 -2.37 16.69 21.68
C GLU G 104 -1.24 16.40 22.68
N LEU G 105 -0.74 17.45 23.34
CA LEU G 105 0.31 17.28 24.34
C LEU G 105 -0.30 16.56 25.53
N ARG G 106 -1.49 17.02 25.92
CA ARG G 106 -2.23 16.45 27.03
C ARG G 106 -2.31 14.93 26.98
N HIS G 107 -2.97 14.39 25.97
CA HIS G 107 -3.13 12.94 25.86
C HIS G 107 -1.86 12.12 25.81
N VAL G 108 -0.72 12.74 25.52
CA VAL G 108 0.53 11.98 25.48
C VAL G 108 1.06 11.78 26.90
N MET G 109 1.33 12.90 27.57
CA MET G 109 1.86 12.88 28.93
C MET G 109 1.08 11.93 29.82
N THR G 110 -0.25 12.01 29.74
CA THR G 110 -1.11 11.14 30.52
C THR G 110 -0.81 9.68 30.21
N ASN G 111 -0.69 9.37 28.92
CA ASN G 111 -0.39 8.01 28.48
C ASN G 111 0.95 7.55 29.03
N LEU G 112 1.84 8.50 29.32
CA LEU G 112 3.14 8.15 29.88
C LEU G 112 3.06 8.02 31.39
N GLY G 113 2.00 8.57 31.98
CA GLY G 113 1.82 8.48 33.41
C GLY G 113 1.84 9.77 34.21
N GLU G 114 2.50 10.80 33.68
CA GLU G 114 2.58 12.08 34.39
C GLU G 114 1.26 12.84 34.30
N LYS G 115 0.53 12.85 35.42
CA LYS G 115 -0.75 13.55 35.48
C LYS G 115 -0.57 15.05 35.69
N LEU G 116 -1.30 15.82 34.88
CA LEU G 116 -1.23 17.27 34.92
C LEU G 116 -2.60 17.96 34.90
N THR G 117 -2.56 19.29 34.98
CA THR G 117 -3.77 20.12 34.99
C THR G 117 -3.90 20.84 33.65
N ASP G 118 -5.10 21.34 33.38
CA ASP G 118 -5.39 22.06 32.15
C ASP G 118 -4.36 23.15 31.93
N GLU G 119 -4.21 24.04 32.91
CA GLU G 119 -3.25 25.13 32.80
C GLU G 119 -1.84 24.63 32.55
N GLU G 120 -1.49 23.50 33.14
CA GLU G 120 -0.15 22.95 32.96
C GLU G 120 0.17 22.69 31.49
N VAL G 121 -0.80 22.17 30.74
CA VAL G 121 -0.57 21.91 29.32
C VAL G 121 -0.40 23.26 28.60
N ASP G 122 -1.21 24.23 29.00
CA ASP G 122 -1.18 25.57 28.42
C ASP G 122 0.14 26.27 28.72
N GLU G 123 0.69 25.99 29.89
CA GLU G 123 1.98 26.53 30.33
C GLU G 123 3.06 26.12 29.34
N MET G 124 3.27 24.81 29.24
CA MET G 124 4.27 24.24 28.36
C MET G 124 4.13 24.77 26.94
N ILE G 125 2.90 24.81 26.44
CA ILE G 125 2.63 25.31 25.10
C ILE G 125 3.16 26.74 24.96
N ARG G 126 2.93 27.56 25.99
CA ARG G 126 3.43 28.93 25.97
C ARG G 126 4.96 28.93 25.96
N GLU G 127 5.57 28.15 26.85
CA GLU G 127 7.03 28.09 26.92
C GLU G 127 7.64 27.22 25.82
N ALA G 128 7.00 27.24 24.65
CA ALA G 128 7.44 26.47 23.50
C ALA G 128 6.98 27.24 22.26
N ASP G 129 5.70 27.60 22.26
CA ASP G 129 5.04 28.32 21.19
C ASP G 129 5.65 29.70 20.85
N ILE G 130 6.68 29.72 20.01
CA ILE G 130 7.32 30.99 19.63
C ILE G 130 6.42 31.82 18.73
N ASP G 131 5.90 31.20 17.67
CA ASP G 131 5.01 31.85 16.70
C ASP G 131 3.77 32.50 17.32
N GLY G 132 3.41 32.06 18.53
CA GLY G 132 2.27 32.62 19.22
C GLY G 132 0.90 32.25 18.68
N ASP G 133 0.78 31.07 18.09
CA ASP G 133 -0.49 30.62 17.53
C ASP G 133 -1.19 29.57 18.38
N GLY G 134 -0.68 29.38 19.60
CA GLY G 134 -1.25 28.38 20.50
C GLY G 134 -1.01 26.97 20.01
N GLN G 135 -0.05 26.82 19.07
CA GLN G 135 0.31 25.53 18.47
C GLN G 135 1.82 25.38 18.43
N VAL G 136 2.32 24.24 18.89
CA VAL G 136 3.75 23.95 18.87
C VAL G 136 4.01 23.12 17.61
N ASN G 137 4.80 23.67 16.69
CA ASN G 137 5.11 22.97 15.45
C ASN G 137 6.44 22.24 15.61
N TYR G 138 6.87 21.54 14.56
CA TYR G 138 8.14 20.79 14.62
C TYR G 138 9.33 21.63 15.06
N GLU G 139 9.46 22.84 14.52
CA GLU G 139 10.57 23.72 14.87
C GLU G 139 10.53 24.09 16.35
N GLU G 140 9.34 24.47 16.80
CA GLU G 140 9.09 24.86 18.19
C GLU G 140 9.56 23.71 19.07
N PHE G 141 9.01 22.54 18.77
CA PHE G 141 9.28 21.31 19.47
C PHE G 141 10.78 21.06 19.56
N VAL G 142 11.47 21.07 18.42
CA VAL G 142 12.91 20.81 18.38
C VAL G 142 13.74 21.76 19.24
N GLN G 143 13.56 23.06 19.04
CA GLN G 143 14.33 24.07 19.78
C GLN G 143 14.15 24.08 21.29
N MET G 144 13.11 23.41 21.79
CA MET G 144 12.89 23.33 23.23
C MET G 144 12.95 21.88 23.68
N MET G 145 13.25 21.01 22.76
CA MET G 145 13.38 19.60 23.10
C MET G 145 14.79 19.51 23.72
N THR G 146 15.69 18.77 23.10
CA THR G 146 17.09 18.62 23.54
C THR G 146 17.63 20.07 23.63
N ARG H 3 11.19 21.94 32.48
CA ARG H 3 11.49 20.58 32.95
C ARG H 3 10.54 19.51 32.39
N LYS H 4 9.24 19.72 32.55
CA LYS H 4 8.25 18.76 32.08
C LYS H 4 8.37 18.39 30.60
N TRP H 5 8.51 19.40 29.73
CA TRP H 5 8.63 19.16 28.30
C TRP H 5 9.72 18.11 28.07
N GLN H 6 10.88 18.36 28.67
CA GLN H 6 12.04 17.49 28.55
C GLN H 6 11.92 16.16 29.30
N LYS H 7 11.11 16.10 30.34
CA LYS H 7 10.95 14.85 31.05
C LYS H 7 10.21 13.88 30.13
N THR H 8 9.11 14.38 29.56
CA THR H 8 8.27 13.61 28.65
C THR H 8 9.06 13.27 27.37
N GLY H 9 9.68 14.28 26.77
CA GLY H 9 10.45 14.10 25.55
C GLY H 9 11.48 12.98 25.64
N HIS H 10 12.20 12.92 26.75
CA HIS H 10 13.22 11.89 26.95
C HIS H 10 12.60 10.49 27.08
N ALA H 11 11.45 10.38 27.75
CA ALA H 11 10.79 9.10 27.89
C ALA H 11 10.46 8.56 26.50
N VAL H 12 9.90 9.43 25.67
CA VAL H 12 9.52 9.07 24.30
C VAL H 12 10.73 8.62 23.49
N ARG H 13 11.70 9.51 23.32
CA ARG H 13 12.91 9.18 22.58
C ARG H 13 13.54 7.89 23.10
N ALA H 14 13.41 7.64 24.39
CA ALA H 14 13.96 6.42 24.98
C ALA H 14 13.29 5.19 24.38
N ILE H 15 11.99 5.30 24.12
CA ILE H 15 11.26 4.17 23.54
C ILE H 15 11.82 3.89 22.15
N GLY H 16 11.98 4.95 21.38
CA GLY H 16 12.50 4.82 20.05
C GLY H 16 13.95 4.37 20.02
N ARG H 17 14.68 4.69 21.08
CA ARG H 17 16.09 4.33 21.20
C ARG H 17 16.24 2.85 21.59
N LEU H 18 15.17 2.31 22.17
CA LEU H 18 15.15 0.91 22.55
C LEU H 18 14.71 0.06 21.36
N SER H 19 13.79 0.62 20.55
CA SER H 19 13.22 -0.02 19.36
C SER H 19 14.23 -0.37 18.28
N SER H 20 15.08 0.60 17.97
CA SER H 20 16.11 0.42 16.96
C SER H 20 17.48 0.30 17.61
CA CA I . -6.89 -7.85 -38.20
CA CA J . -7.02 0.15 -46.72
CA CA K . 3.50 7.48 -12.73
CA CA L . 15.33 7.64 -13.34
CA CA M . -26.92 -10.28 12.55
CA CA N . -18.58 -4.01 18.47
CA CA O . -20.47 -4.37 -17.77
CA CA P . -24.58 5.94 -20.14
CA CA Q . 8.86 -24.27 13.91
CA CA R . 18.89 -27.91 8.43
CA CA S . -1.04 -0.66 -4.12
CA CA T . 5.09 8.64 -0.72
CA CA U . 10.69 -0.94 38.15
CA CA V . 21.14 -4.46 33.48
CA CA W . -1.59 17.45 15.53
CA CA X . 3.39 27.78 17.37
#